data_1EO7
#
_entry.id   1EO7
#
_cell.length_a   111.648
_cell.length_b   109.022
_cell.length_c   64.677
_cell.angle_alpha   90
_cell.angle_beta   90
_cell.angle_gamma   90
#
_symmetry.space_group_name_H-M   'P 21 21 21'
#
loop_
_entity.id
_entity.type
_entity.pdbx_description
1 polymer 'PROTEIN (CYCLODEXTRIN GLYCOSYLTRANSFERASE)'
2 branched alpha-D-glucopyranose-(1-4)-alpha-D-glucopyranose-(1-4)-alpha-D-glucopyranose-(1-4)-alpha-D-glucopyranose-(1-4)-alpha-D-glucopyranose-(1-4)-alpha-D-glucopyranose
3 branched alpha-D-glucopyranose-(1-4)-alpha-D-glucopyranose-(1-4)-alpha-D-glucopyranose
4 branched alpha-D-glucopyranose-(1-4)-alpha-D-glucopyranose-(1-4)-alpha-D-glucopyranose-(1-4)-alpha-D-glucopyranose
5 non-polymer 'CALCIUM ION'
6 water water
#
_entity_poly.entity_id   1
_entity_poly.type   'polypeptide(L)'
_entity_poly.pdbx_seq_one_letter_code
;APDTSVSNKQNFSTDVIYQIFTDRFSDGNPANNPTGAAFDGTCTNLRLYCGGDWQGIINKINDGYLTGMGVTAIWISQPV
ENIYSIINYSGVNNTAYHGYWARDFKKTNPAYGTIADFQNLIAAAHAKNIKVIIDFAPNHTSPASSDQPSFAENGRLYDN
GTLLGGYTNDTQNLFHHNGGTDFSTTENGIYKNLYDLADLNHNNSTVDVYLKDAIKMWLDLGIDGIRMAAVKHMPFGWQK
SFMAAVNNYKPVFTFGAWFLGVNEVSPENHKFANESGMSLLDFRFAQKVRQVFRDNTDNMYGLKAMLEGSAADYAQVDDQ
VTFIDNHDMERFHASNANRRKLEQALAFTLTSRGVPAIYYGTEQYMSGGTDPDNRARIPSFSTSTTAYQVIQKLAPLRKS
NPAIAYGSTQERWINNDVLIYERKFGSNVAVVAVNRNLNAPASISGLVTSLPQGSYNDVLGGLLNGNTLSVGSGGAASNF
TLAAGGTAVWQYTAATATPTIGHVGPMMAKPGVTITIDGRGFGSSKGTVYFGTTAVSGADITSWEDTQIKVKIPAVAGGN
YNIKVANAAGTASNVYDNFEVLSGDQVSVRFVVNNATTALGQNVYLTGSVSELGNWDPAKAIGPMYNQVVYQYPNWYYDV
SVPAGKTIEFKFLKKQGSTVTWEGGSNHTFTAPSSGTATINVNWQP
;
_entity_poly.pdbx_strand_id   A
#
# COMPACT_ATOMS: atom_id res chain seq x y z
N ALA A 1 -13.86 -19.87 -4.65
CA ALA A 1 -14.00 -18.44 -4.89
C ALA A 1 -13.02 -17.96 -5.95
N PRO A 2 -13.49 -17.13 -6.87
CA PRO A 2 -12.63 -16.61 -7.92
C PRO A 2 -11.78 -15.46 -7.42
N ASP A 3 -10.70 -15.20 -8.14
CA ASP A 3 -9.78 -14.14 -7.79
C ASP A 3 -10.49 -12.82 -7.55
N THR A 4 -11.60 -12.63 -8.25
CA THR A 4 -12.37 -11.40 -8.16
C THR A 4 -13.33 -11.35 -6.97
N SER A 5 -13.41 -12.44 -6.22
CA SER A 5 -14.31 -12.47 -5.07
C SER A 5 -13.91 -11.48 -4.00
N VAL A 6 -14.91 -10.87 -3.37
CA VAL A 6 -14.68 -9.90 -2.31
C VAL A 6 -14.00 -10.58 -1.12
N SER A 7 -13.95 -11.91 -1.18
CA SER A 7 -13.35 -12.72 -0.12
C SER A 7 -11.83 -12.71 -0.26
N ASN A 8 -11.35 -12.26 -1.41
CA ASN A 8 -9.93 -12.23 -1.67
C ASN A 8 -9.23 -11.16 -0.86
N LYS A 9 -8.91 -11.47 0.38
CA LYS A 9 -8.24 -10.50 1.23
C LYS A 9 -6.76 -10.35 0.88
N GLN A 10 -6.30 -11.04 -0.15
CA GLN A 10 -4.88 -10.95 -0.50
C GLN A 10 -4.59 -10.25 -1.81
N ASN A 11 -5.62 -10.00 -2.62
CA ASN A 11 -5.42 -9.37 -3.91
C ASN A 11 -6.45 -8.27 -4.18
N PHE A 12 -5.95 -7.05 -4.41
CA PHE A 12 -6.82 -5.92 -4.67
C PHE A 12 -6.64 -5.41 -6.11
N SER A 13 -5.75 -6.04 -6.85
CA SER A 13 -5.47 -5.64 -8.22
C SER A 13 -6.72 -5.57 -9.11
N THR A 14 -7.72 -6.39 -8.79
CA THR A 14 -8.97 -6.42 -9.55
C THR A 14 -9.99 -5.44 -8.98
N ASP A 15 -9.59 -4.77 -7.90
CA ASP A 15 -10.46 -3.81 -7.24
C ASP A 15 -10.08 -2.38 -7.48
N VAL A 16 -11.04 -1.50 -7.23
CA VAL A 16 -10.84 -0.08 -7.33
C VAL A 16 -11.13 0.49 -5.97
N ILE A 17 -10.08 0.93 -5.30
CA ILE A 17 -10.21 1.47 -3.97
C ILE A 17 -10.78 2.86 -3.99
N TYR A 18 -11.60 3.16 -2.99
CA TYR A 18 -12.19 4.46 -2.85
C TYR A 18 -11.78 5.01 -1.49
N GLN A 19 -10.81 5.92 -1.49
CA GLN A 19 -10.34 6.48 -0.25
C GLN A 19 -11.35 7.38 0.41
N ILE A 20 -11.88 6.92 1.53
CA ILE A 20 -12.89 7.65 2.26
C ILE A 20 -12.39 8.33 3.51
N PHE A 21 -12.52 9.64 3.55
CA PHE A 21 -12.16 10.43 4.71
C PHE A 21 -13.43 10.58 5.51
N THR A 22 -13.71 9.54 6.32
CA THR A 22 -14.90 9.41 7.16
C THR A 22 -15.61 10.68 7.56
N ASP A 23 -14.97 11.47 8.42
CA ASP A 23 -15.56 12.72 8.89
C ASP A 23 -16.10 13.62 7.79
N ARG A 24 -15.56 13.50 6.58
CA ARG A 24 -15.99 14.35 5.48
C ARG A 24 -16.80 13.66 4.40
N PHE A 25 -17.17 12.40 4.63
CA PHE A 25 -17.96 11.67 3.64
C PHE A 25 -19.46 11.81 3.86
N SER A 26 -19.97 11.25 4.95
CA SER A 26 -21.39 11.34 5.23
C SER A 26 -21.69 11.07 6.69
N ASP A 27 -22.57 11.89 7.27
CA ASP A 27 -22.96 11.74 8.65
C ASP A 27 -24.28 10.98 8.74
N GLY A 28 -24.15 9.65 8.83
CA GLY A 28 -25.30 8.76 8.91
C GLY A 28 -25.92 8.73 10.30
N ASN A 29 -25.13 9.08 11.31
CA ASN A 29 -25.63 9.13 12.69
C ASN A 29 -25.11 10.35 13.41
N PRO A 30 -25.95 11.38 13.50
CA PRO A 30 -25.58 12.63 14.16
C PRO A 30 -25.53 12.48 15.67
N ALA A 31 -26.12 11.41 16.17
CA ALA A 31 -26.15 11.15 17.61
C ALA A 31 -24.74 10.94 18.13
N ASN A 32 -23.82 10.58 17.24
CA ASN A 32 -22.44 10.38 17.65
C ASN A 32 -21.57 11.58 17.36
N ASN A 33 -22.14 12.58 16.68
CA ASN A 33 -21.39 13.78 16.36
C ASN A 33 -20.82 14.37 17.63
N PRO A 34 -19.63 14.96 17.53
CA PRO A 34 -19.02 15.60 18.67
C PRO A 34 -19.77 16.88 18.95
N THR A 35 -19.47 17.50 20.08
CA THR A 35 -20.15 18.71 20.46
C THR A 35 -19.22 19.88 20.70
N GLY A 36 -19.81 21.06 20.78
CA GLY A 36 -19.06 22.27 21.04
C GLY A 36 -18.00 22.60 20.01
N ALA A 37 -16.94 23.24 20.50
CA ALA A 37 -15.81 23.70 19.69
C ALA A 37 -15.10 22.63 18.87
N ALA A 38 -15.41 21.37 19.10
CA ALA A 38 -14.76 20.31 18.36
C ALA A 38 -15.56 19.89 17.14
N PHE A 39 -16.70 20.54 16.94
CA PHE A 39 -17.59 20.19 15.85
C PHE A 39 -18.05 21.38 15.01
N ASP A 40 -18.31 21.12 13.72
CA ASP A 40 -18.84 22.12 12.80
C ASP A 40 -19.70 21.43 11.76
N GLY A 41 -20.98 21.29 12.08
CA GLY A 41 -21.94 20.63 11.22
C GLY A 41 -21.95 21.20 9.80
N THR A 42 -21.52 22.45 9.63
CA THR A 42 -21.52 23.06 8.31
C THR A 42 -20.27 22.67 7.52
N CYS A 43 -19.29 22.16 8.24
CA CYS A 43 -18.02 21.77 7.66
C CYS A 43 -17.31 22.95 7.02
N THR A 44 -17.39 24.08 7.69
CA THR A 44 -16.74 25.28 7.24
C THR A 44 -15.31 25.24 7.74
N ASN A 45 -15.13 24.87 9.00
CA ASN A 45 -13.80 24.72 9.57
C ASN A 45 -13.38 23.28 9.36
N LEU A 46 -12.41 23.10 8.47
CA LEU A 46 -11.93 21.78 8.11
C LEU A 46 -10.97 21.18 9.13
N ARG A 47 -10.85 21.82 10.29
CA ARG A 47 -9.98 21.32 11.34
C ARG A 47 -10.81 20.73 12.48
N LEU A 48 -12.12 20.71 12.30
CA LEU A 48 -13.02 20.15 13.30
C LEU A 48 -13.91 19.08 12.69
N TYR A 49 -14.46 18.24 13.55
CA TYR A 49 -15.33 17.17 13.12
C TYR A 49 -16.54 17.76 12.38
N CYS A 50 -16.91 17.12 11.28
CA CYS A 50 -18.04 17.57 10.51
C CYS A 50 -19.24 16.65 10.70
N GLY A 51 -18.99 15.44 11.22
CA GLY A 51 -20.08 14.50 11.49
C GLY A 51 -19.98 13.19 10.70
N GLY A 52 -19.08 13.16 9.70
CA GLY A 52 -18.91 11.97 8.88
C GLY A 52 -18.66 10.73 9.75
N ASP A 53 -19.43 9.67 9.51
CA ASP A 53 -19.29 8.43 10.29
C ASP A 53 -19.46 7.16 9.47
N TRP A 54 -19.33 6.03 10.15
CA TRP A 54 -19.46 4.72 9.53
C TRP A 54 -20.85 4.48 8.96
N GLN A 55 -21.88 4.84 9.71
CA GLN A 55 -23.25 4.68 9.24
C GLN A 55 -23.41 5.44 7.93
N GLY A 56 -22.75 6.58 7.84
CA GLY A 56 -22.79 7.37 6.62
C GLY A 56 -22.30 6.51 5.47
N ILE A 57 -21.20 5.80 5.70
CA ILE A 57 -20.64 4.94 4.68
C ILE A 57 -21.58 3.80 4.34
N ILE A 58 -22.17 3.18 5.35
CA ILE A 58 -23.10 2.09 5.11
C ILE A 58 -24.21 2.57 4.20
N ASN A 59 -24.73 3.76 4.48
CA ASN A 59 -25.79 4.32 3.67
C ASN A 59 -25.31 4.52 2.24
N LYS A 60 -24.10 5.04 2.09
CA LYS A 60 -23.55 5.26 0.76
C LYS A 60 -23.38 3.94 0.02
N ILE A 61 -23.04 2.89 0.76
CA ILE A 61 -22.89 1.57 0.17
C ILE A 61 -24.23 1.04 -0.30
N ASN A 62 -25.24 1.14 0.58
CA ASN A 62 -26.56 0.65 0.26
C ASN A 62 -27.29 1.49 -0.79
N ASP A 63 -27.10 2.81 -0.77
CA ASP A 63 -27.77 3.65 -1.76
C ASP A 63 -27.19 3.59 -3.16
N GLY A 64 -26.31 2.63 -3.39
CA GLY A 64 -25.70 2.42 -4.70
C GLY A 64 -24.77 3.52 -5.19
N TYR A 65 -24.39 4.45 -4.33
CA TYR A 65 -23.48 5.50 -4.77
C TYR A 65 -22.14 4.93 -5.18
N LEU A 66 -21.51 4.18 -4.28
CA LEU A 66 -20.22 3.58 -4.55
C LEU A 66 -20.32 2.46 -5.56
N THR A 67 -21.26 1.56 -5.33
CA THR A 67 -21.46 0.44 -6.23
C THR A 67 -21.69 0.92 -7.67
N GLY A 68 -22.62 1.85 -7.83
CA GLY A 68 -22.94 2.38 -9.15
C GLY A 68 -21.71 2.94 -9.85
N MET A 69 -20.71 3.31 -9.06
CA MET A 69 -19.48 3.86 -9.61
C MET A 69 -18.51 2.78 -10.03
N GLY A 70 -18.70 1.57 -9.51
CA GLY A 70 -17.83 0.44 -9.85
C GLY A 70 -16.78 0.23 -8.77
N VAL A 71 -16.96 0.89 -7.64
CA VAL A 71 -16.01 0.74 -6.54
C VAL A 71 -16.16 -0.65 -5.92
N THR A 72 -15.04 -1.28 -5.61
CA THR A 72 -15.07 -2.60 -5.03
C THR A 72 -14.29 -2.67 -3.73
N ALA A 73 -13.88 -1.52 -3.23
CA ALA A 73 -13.14 -1.47 -2.00
C ALA A 73 -13.01 -0.06 -1.50
N ILE A 74 -12.98 0.08 -0.18
CA ILE A 74 -12.87 1.37 0.42
C ILE A 74 -11.69 1.41 1.36
N TRP A 75 -11.14 2.59 1.51
CA TRP A 75 -10.03 2.80 2.41
C TRP A 75 -10.51 3.88 3.36
N ILE A 76 -10.80 3.47 4.59
CA ILE A 76 -11.31 4.39 5.58
C ILE A 76 -10.26 4.87 6.58
N SER A 77 -10.56 5.98 7.23
CA SER A 77 -9.67 6.58 8.22
C SER A 77 -9.44 5.61 9.38
N GLN A 78 -8.38 5.85 10.15
CA GLN A 78 -8.07 4.98 11.29
C GLN A 78 -9.29 4.83 12.20
N PRO A 79 -9.73 3.59 12.38
CA PRO A 79 -10.91 3.31 13.19
C PRO A 79 -10.68 3.42 14.69
N VAL A 80 -9.43 3.28 15.11
CA VAL A 80 -9.11 3.34 16.54
C VAL A 80 -9.52 4.63 17.23
N GLU A 81 -9.64 4.53 18.55
CA GLU A 81 -10.02 5.66 19.38
C GLU A 81 -8.94 6.73 19.34
N ASN A 82 -9.35 7.96 19.04
CA ASN A 82 -8.44 9.09 18.96
C ASN A 82 -8.62 10.00 20.17
N ILE A 83 -7.72 10.96 20.32
CA ILE A 83 -7.82 11.89 21.44
C ILE A 83 -9.08 12.73 21.30
N TYR A 84 -9.49 13.34 22.40
CA TYR A 84 -10.70 14.15 22.40
C TYR A 84 -10.40 15.62 22.49
N SER A 85 -9.19 15.96 22.94
CA SER A 85 -8.80 17.34 23.09
C SER A 85 -8.84 18.09 21.77
N ILE A 86 -8.90 19.42 21.88
CA ILE A 86 -8.93 20.28 20.71
C ILE A 86 -7.66 21.10 20.69
N ILE A 87 -6.62 20.51 20.11
CA ILE A 87 -5.33 21.17 20.05
C ILE A 87 -5.37 22.53 19.40
N ASN A 88 -5.04 23.54 20.19
CA ASN A 88 -5.02 24.90 19.70
C ASN A 88 -3.63 25.27 19.21
N TYR A 89 -3.44 25.17 17.89
CA TYR A 89 -2.17 25.48 17.28
C TYR A 89 -2.11 26.94 16.85
N SER A 90 -1.67 27.80 17.75
CA SER A 90 -1.57 29.22 17.47
C SER A 90 -2.92 29.83 17.13
N GLY A 91 -3.84 29.79 18.10
CA GLY A 91 -5.17 30.35 17.92
C GLY A 91 -5.99 29.57 16.90
N VAL A 92 -5.50 28.40 16.51
CA VAL A 92 -6.22 27.57 15.55
C VAL A 92 -6.60 26.24 16.17
N ASN A 93 -7.89 26.06 16.40
CA ASN A 93 -8.37 24.83 17.01
C ASN A 93 -8.31 23.66 16.05
N ASN A 94 -7.80 22.54 16.55
CA ASN A 94 -7.64 21.33 15.77
C ASN A 94 -8.26 20.14 16.48
N THR A 95 -8.93 19.29 15.71
CA THR A 95 -9.54 18.09 16.25
C THR A 95 -8.98 16.87 15.55
N ALA A 96 -9.14 15.71 16.17
CA ALA A 96 -8.65 14.46 15.62
C ALA A 96 -9.61 13.91 14.56
N TYR A 97 -10.31 14.81 13.88
CA TYR A 97 -11.28 14.41 12.84
C TYR A 97 -10.65 13.46 11.83
N HIS A 98 -9.34 13.60 11.61
CA HIS A 98 -8.63 12.76 10.65
C HIS A 98 -8.34 11.36 11.18
N GLY A 99 -8.51 11.19 12.49
CA GLY A 99 -8.31 9.89 13.14
C GLY A 99 -6.85 9.43 13.25
N TYR A 100 -5.91 10.30 12.94
CA TYR A 100 -4.49 9.94 13.02
C TYR A 100 -3.88 10.11 14.41
N TRP A 101 -4.66 10.63 15.36
CA TRP A 101 -4.19 10.83 16.72
C TRP A 101 -4.77 9.78 17.66
N ALA A 102 -4.35 8.54 17.49
CA ALA A 102 -4.85 7.44 18.31
C ALA A 102 -4.49 7.57 19.79
N ARG A 103 -5.36 7.01 20.63
CA ARG A 103 -5.16 7.01 22.06
C ARG A 103 -5.43 5.61 22.62
N ASP A 104 -5.99 4.75 21.77
CA ASP A 104 -6.29 3.37 22.15
C ASP A 104 -6.62 2.57 20.90
N PHE A 105 -5.65 1.77 20.46
CA PHE A 105 -5.79 0.97 19.26
C PHE A 105 -6.81 -0.16 19.40
N LYS A 106 -7.16 -0.48 20.64
CA LYS A 106 -8.12 -1.56 20.87
C LYS A 106 -9.56 -1.04 20.85
N LYS A 107 -9.71 0.27 20.94
CA LYS A 107 -11.04 0.86 20.90
C LYS A 107 -11.27 1.58 19.59
N THR A 108 -12.51 2.01 19.38
CA THR A 108 -12.87 2.71 18.15
C THR A 108 -13.16 4.18 18.40
N ASN A 109 -13.13 4.98 17.34
CA ASN A 109 -13.43 6.38 17.48
C ASN A 109 -14.94 6.55 17.57
N PRO A 110 -15.42 6.83 18.77
CA PRO A 110 -16.85 7.02 19.00
C PRO A 110 -17.51 7.93 17.97
N ALA A 111 -16.70 8.79 17.34
CA ALA A 111 -17.20 9.72 16.34
C ALA A 111 -17.58 8.99 15.05
N TYR A 112 -16.79 7.97 14.71
CA TYR A 112 -17.06 7.17 13.52
C TYR A 112 -18.12 6.14 13.83
N GLY A 113 -18.08 5.61 15.04
CA GLY A 113 -19.07 4.63 15.47
C GLY A 113 -18.56 3.74 16.60
N THR A 114 -19.26 2.63 16.80
CA THR A 114 -18.94 1.65 17.82
C THR A 114 -18.40 0.40 17.15
N ILE A 115 -18.02 -0.58 17.95
CA ILE A 115 -17.53 -1.83 17.41
C ILE A 115 -18.66 -2.41 16.57
N ALA A 116 -19.86 -2.37 17.13
CA ALA A 116 -21.04 -2.86 16.44
C ALA A 116 -21.21 -2.14 15.12
N ASP A 117 -21.11 -0.82 15.16
CA ASP A 117 -21.23 -0.02 13.95
C ASP A 117 -20.21 -0.51 12.94
N PHE A 118 -18.95 -0.58 13.38
CA PHE A 118 -17.87 -1.05 12.53
C PHE A 118 -18.22 -2.40 11.95
N GLN A 119 -18.79 -3.27 12.79
CA GLN A 119 -19.20 -4.59 12.36
C GLN A 119 -20.27 -4.51 11.30
N ASN A 120 -21.22 -3.60 11.49
CA ASN A 120 -22.29 -3.41 10.52
C ASN A 120 -21.73 -2.87 9.22
N LEU A 121 -20.72 -2.02 9.34
CA LEU A 121 -20.08 -1.44 8.18
C LEU A 121 -19.46 -2.55 7.35
N ILE A 122 -18.64 -3.38 7.98
CA ILE A 122 -18.01 -4.49 7.28
C ILE A 122 -19.05 -5.39 6.65
N ALA A 123 -20.13 -5.65 7.39
CA ALA A 123 -21.21 -6.49 6.90
C ALA A 123 -21.85 -5.87 5.66
N ALA A 124 -22.14 -4.58 5.74
CA ALA A 124 -22.74 -3.89 4.60
C ALA A 124 -21.82 -3.98 3.41
N ALA A 125 -20.55 -3.63 3.63
CA ALA A 125 -19.55 -3.67 2.58
C ALA A 125 -19.54 -5.01 1.85
N HIS A 126 -19.23 -6.09 2.58
CA HIS A 126 -19.18 -7.41 1.98
C HIS A 126 -20.46 -7.80 1.27
N ALA A 127 -21.58 -7.30 1.77
CA ALA A 127 -22.87 -7.58 1.15
C ALA A 127 -22.89 -6.96 -0.25
N LYS A 128 -22.17 -5.85 -0.41
CA LYS A 128 -22.10 -5.17 -1.69
C LYS A 128 -20.78 -5.46 -2.40
N ASN A 129 -20.20 -6.61 -2.09
CA ASN A 129 -18.93 -7.02 -2.69
C ASN A 129 -17.89 -5.91 -2.60
N ILE A 130 -17.92 -5.19 -1.50
CA ILE A 130 -17.00 -4.10 -1.30
C ILE A 130 -16.02 -4.44 -0.20
N LYS A 131 -14.74 -4.36 -0.53
CA LYS A 131 -13.71 -4.66 0.44
C LYS A 131 -13.48 -3.49 1.36
N VAL A 132 -13.03 -3.79 2.57
CA VAL A 132 -12.81 -2.74 3.55
C VAL A 132 -11.38 -2.67 4.05
N ILE A 133 -10.73 -1.54 3.76
CA ILE A 133 -9.37 -1.31 4.17
C ILE A 133 -9.35 -0.22 5.22
N ILE A 134 -8.60 -0.44 6.30
CA ILE A 134 -8.53 0.53 7.36
C ILE A 134 -7.14 1.09 7.55
N ASP A 135 -7.09 2.39 7.82
CA ASP A 135 -5.82 3.06 8.04
C ASP A 135 -5.27 2.60 9.38
N PHE A 136 -3.95 2.60 9.48
CA PHE A 136 -3.30 2.16 10.70
C PHE A 136 -2.01 2.93 10.93
N ALA A 137 -2.01 3.76 11.98
CA ALA A 137 -0.85 4.58 12.31
C ALA A 137 -0.21 4.16 13.63
N PRO A 138 0.47 3.02 13.61
CA PRO A 138 1.12 2.50 14.81
C PRO A 138 2.46 3.17 15.10
N ASN A 139 2.73 4.27 14.42
CA ASN A 139 3.99 4.99 14.61
C ASN A 139 3.91 5.96 15.77
N HIS A 140 2.70 6.34 16.15
CA HIS A 140 2.54 7.30 17.22
C HIS A 140 1.13 7.27 17.74
N THR A 141 0.85 8.18 18.67
CA THR A 141 -0.46 8.31 19.24
C THR A 141 -1.04 9.66 18.85
N SER A 142 -0.62 10.69 19.57
CA SER A 142 -1.11 12.03 19.30
C SER A 142 -0.07 13.06 19.69
N PRO A 143 -0.35 14.32 19.36
CA PRO A 143 0.56 15.42 19.68
C PRO A 143 0.75 15.52 21.17
N ALA A 144 1.97 15.81 21.60
CA ALA A 144 2.25 15.91 23.02
C ALA A 144 3.60 16.54 23.32
N SER A 145 3.71 17.09 24.53
CA SER A 145 4.93 17.70 24.97
C SER A 145 5.44 17.05 26.25
N SER A 146 6.75 16.98 26.38
CA SER A 146 7.35 16.18 27.45
C SER A 146 7.33 17.12 28.65
N ASP A 147 7.62 18.39 28.41
CA ASP A 147 7.65 19.37 29.50
C ASP A 147 6.28 19.99 29.77
N GLN A 148 5.29 19.63 28.96
CA GLN A 148 3.95 20.16 29.16
C GLN A 148 2.89 19.08 29.07
N PRO A 149 2.80 18.26 30.11
CA PRO A 149 1.81 17.18 30.17
C PRO A 149 0.42 17.75 29.94
N SER A 150 0.30 19.05 30.12
CA SER A 150 -0.96 19.74 29.96
C SER A 150 -1.38 19.81 28.49
N PHE A 151 -0.41 19.96 27.59
CA PHE A 151 -0.71 20.06 26.18
C PHE A 151 -1.31 18.77 25.63
N ALA A 152 -2.39 18.91 24.87
CA ALA A 152 -3.08 17.76 24.28
C ALA A 152 -3.46 16.74 25.34
N GLU A 153 -3.13 15.48 25.09
CA GLU A 153 -3.43 14.42 26.04
C GLU A 153 -2.13 13.71 26.44
N ASN A 154 -1.02 14.44 26.30
CA ASN A 154 0.30 13.92 26.64
C ASN A 154 0.64 12.66 25.86
N GLY A 155 -0.03 12.48 24.73
CA GLY A 155 0.20 11.32 23.87
C GLY A 155 -0.10 10.02 24.59
N ARG A 156 -0.86 10.12 25.68
CA ARG A 156 -1.23 8.96 26.49
C ARG A 156 -1.70 7.76 25.66
N LEU A 157 -1.14 6.59 25.95
CA LEU A 157 -1.49 5.37 25.24
C LEU A 157 -2.37 4.47 26.08
N TYR A 158 -3.50 4.07 25.52
CA TYR A 158 -4.42 3.20 26.23
C TYR A 158 -4.53 1.83 25.62
N ASP A 159 -4.73 0.84 26.46
CA ASP A 159 -4.91 -0.52 26.02
C ASP A 159 -6.28 -0.99 26.45
N ASN A 160 -7.26 -0.69 25.62
CA ASN A 160 -8.64 -1.06 25.91
C ASN A 160 -9.11 -0.46 27.23
N GLY A 161 -8.85 0.83 27.41
CA GLY A 161 -9.28 1.54 28.61
C GLY A 161 -8.18 1.71 29.65
N THR A 162 -7.26 0.76 29.72
CA THR A 162 -6.18 0.83 30.69
C THR A 162 -5.00 1.65 30.24
N LEU A 163 -4.72 2.72 30.99
CA LEU A 163 -3.62 3.60 30.70
C LEU A 163 -2.30 2.85 30.69
N LEU A 164 -1.57 2.96 29.60
CA LEU A 164 -0.29 2.30 29.45
C LEU A 164 0.82 3.25 29.86
N GLY A 165 0.61 4.53 29.59
CA GLY A 165 1.58 5.55 29.93
C GLY A 165 1.50 6.73 28.97
N GLY A 166 2.17 7.80 29.32
CA GLY A 166 2.18 9.01 28.50
C GLY A 166 3.61 9.43 28.16
N TYR A 167 3.71 10.51 27.39
CA TYR A 167 4.99 11.04 26.97
C TYR A 167 5.78 11.62 28.15
N THR A 168 5.07 12.28 29.05
CA THR A 168 5.70 12.86 30.23
C THR A 168 5.96 11.75 31.25
N ASN A 169 7.13 11.81 31.89
CA ASN A 169 7.52 10.81 32.87
C ASN A 169 7.36 9.41 32.31
N ASP A 170 7.89 9.21 31.09
CA ASP A 170 7.82 7.93 30.41
C ASP A 170 8.95 7.01 30.87
N THR A 171 9.01 6.78 32.17
CA THR A 171 10.02 5.91 32.74
C THR A 171 9.89 4.52 32.14
N GLN A 172 8.77 4.27 31.48
CA GLN A 172 8.52 2.99 30.84
C GLN A 172 9.25 2.94 29.51
N ASN A 173 9.41 4.11 28.90
CA ASN A 173 10.08 4.23 27.61
C ASN A 173 9.22 3.66 26.50
N LEU A 174 7.95 4.05 26.49
CA LEU A 174 7.02 3.61 25.47
C LEU A 174 7.19 4.48 24.23
N PHE A 175 7.78 5.64 24.42
CA PHE A 175 7.99 6.56 23.30
C PHE A 175 9.45 6.99 23.18
N HIS A 176 9.77 7.61 22.06
CA HIS A 176 11.11 8.11 21.81
C HIS A 176 11.22 9.53 22.35
N HIS A 177 12.35 9.83 22.96
CA HIS A 177 12.56 11.16 23.50
C HIS A 177 13.77 11.81 22.85
N ASN A 178 13.75 11.81 21.53
CA ASN A 178 14.82 12.38 20.73
C ASN A 178 14.31 13.58 19.94
N GLY A 179 13.31 14.26 20.48
CA GLY A 179 12.75 15.43 19.84
C GLY A 179 12.08 15.09 18.51
N GLY A 180 11.94 16.10 17.67
CA GLY A 180 11.30 15.94 16.38
C GLY A 180 12.31 15.78 15.25
N THR A 181 11.83 15.26 14.13
CA THR A 181 12.63 15.03 12.95
C THR A 181 12.54 16.21 12.01
N ASP A 182 13.53 16.35 11.14
CA ASP A 182 13.52 17.40 10.15
C ASP A 182 13.59 16.74 8.78
N PHE A 183 13.21 15.46 8.77
CA PHE A 183 13.22 14.67 7.56
C PHE A 183 14.56 14.77 6.84
N SER A 184 15.62 15.02 7.59
CA SER A 184 16.95 15.10 6.99
C SER A 184 17.43 13.73 6.56
N THR A 185 17.15 12.73 7.39
CA THR A 185 17.58 11.37 7.09
C THR A 185 16.50 10.37 7.47
N THR A 186 16.57 9.19 6.87
CA THR A 186 15.62 8.15 7.13
C THR A 186 15.60 7.79 8.62
N GLU A 187 16.77 7.47 9.17
CA GLU A 187 16.86 7.14 10.58
C GLU A 187 16.34 8.33 11.39
N ASN A 188 16.64 9.53 10.90
CA ASN A 188 16.21 10.76 11.53
C ASN A 188 14.68 10.81 11.64
N GLY A 189 14.01 10.49 10.55
CA GLY A 189 12.55 10.52 10.51
C GLY A 189 11.91 9.34 11.22
N ILE A 190 12.73 8.37 11.62
CA ILE A 190 12.21 7.19 12.28
C ILE A 190 12.23 7.31 13.81
N TYR A 191 13.41 7.52 14.38
CA TYR A 191 13.54 7.60 15.82
C TYR A 191 13.26 8.97 16.40
N LYS A 192 12.66 9.84 15.61
CA LYS A 192 12.28 11.16 16.06
C LYS A 192 10.80 11.37 15.87
N ASN A 193 10.24 12.30 16.63
CA ASN A 193 8.79 12.55 16.57
C ASN A 193 8.33 13.08 15.23
N LEU A 194 7.39 12.37 14.61
CA LEU A 194 6.81 12.83 13.35
C LEU A 194 6.07 14.12 13.70
N TYR A 195 6.68 15.25 13.38
CA TYR A 195 6.12 16.53 13.79
C TYR A 195 6.12 16.47 15.33
N ASP A 196 5.01 16.82 15.95
CA ASP A 196 4.90 16.73 17.39
C ASP A 196 4.16 15.43 17.87
N LEU A 197 4.01 14.45 16.99
CA LEU A 197 3.32 13.21 17.36
C LEU A 197 4.19 12.31 18.23
N ALA A 198 3.66 11.89 19.38
CA ALA A 198 4.40 11.03 20.29
C ALA A 198 4.86 9.76 19.59
N ASP A 199 6.14 9.71 19.25
CA ASP A 199 6.72 8.56 18.54
C ASP A 199 6.82 7.33 19.43
N LEU A 200 6.08 6.29 19.07
CA LEU A 200 6.10 5.07 19.83
C LEU A 200 7.45 4.37 19.73
N ASN A 201 7.75 3.53 20.70
CA ASN A 201 9.01 2.82 20.73
C ASN A 201 8.75 1.33 20.53
N HIS A 202 8.77 0.91 19.27
CA HIS A 202 8.53 -0.49 18.93
C HIS A 202 9.56 -1.42 19.50
N ASN A 203 10.66 -0.87 20.00
CA ASN A 203 11.67 -1.71 20.61
C ASN A 203 11.22 -2.08 22.02
N ASN A 204 10.08 -1.54 22.42
CA ASN A 204 9.53 -1.81 23.74
C ASN A 204 8.54 -2.96 23.63
N SER A 205 8.86 -4.09 24.27
CA SER A 205 8.04 -5.31 24.25
C SER A 205 6.55 -5.01 24.42
N THR A 206 6.23 -4.22 25.44
CA THR A 206 4.85 -3.85 25.71
C THR A 206 4.23 -3.25 24.45
N VAL A 207 4.84 -2.19 23.95
CA VAL A 207 4.37 -1.50 22.77
C VAL A 207 4.33 -2.43 21.55
N ASP A 208 5.32 -3.31 21.45
CA ASP A 208 5.40 -4.24 20.34
C ASP A 208 4.27 -5.25 20.36
N VAL A 209 4.10 -5.92 21.48
CA VAL A 209 3.06 -6.93 21.60
C VAL A 209 1.68 -6.29 21.53
N TYR A 210 1.51 -5.16 22.21
CA TYR A 210 0.23 -4.46 22.21
C TYR A 210 -0.21 -4.15 20.79
N LEU A 211 0.67 -3.53 20.02
CA LEU A 211 0.36 -3.17 18.64
C LEU A 211 -0.01 -4.38 17.82
N LYS A 212 0.83 -5.42 17.87
CA LYS A 212 0.56 -6.64 17.14
C LYS A 212 -0.80 -7.19 17.58
N ASP A 213 -1.03 -7.20 18.88
CA ASP A 213 -2.29 -7.70 19.43
C ASP A 213 -3.46 -6.88 18.93
N ALA A 214 -3.28 -5.56 18.84
CA ALA A 214 -4.33 -4.67 18.38
C ALA A 214 -4.74 -4.98 16.95
N ILE A 215 -3.76 -5.15 16.07
CA ILE A 215 -4.08 -5.46 14.68
C ILE A 215 -4.87 -6.75 14.59
N LYS A 216 -4.60 -7.67 15.52
CA LYS A 216 -5.30 -8.94 15.54
C LYS A 216 -6.79 -8.71 15.68
N MET A 217 -7.16 -7.82 16.59
CA MET A 217 -8.56 -7.49 16.82
C MET A 217 -9.21 -7.02 15.53
N TRP A 218 -8.69 -5.96 14.94
CA TRP A 218 -9.24 -5.44 13.71
C TRP A 218 -9.24 -6.52 12.64
N LEU A 219 -8.22 -7.37 12.65
CA LEU A 219 -8.14 -8.47 11.71
C LEU A 219 -9.29 -9.43 11.98
N ASP A 220 -9.65 -9.58 13.25
CA ASP A 220 -10.75 -10.46 13.62
C ASP A 220 -12.07 -9.79 13.34
N LEU A 221 -12.05 -8.46 13.21
CA LEU A 221 -13.27 -7.72 12.93
C LEU A 221 -13.71 -7.86 11.48
N GLY A 222 -12.84 -8.43 10.66
CA GLY A 222 -13.17 -8.68 9.26
C GLY A 222 -12.59 -7.73 8.23
N ILE A 223 -11.64 -6.88 8.63
CA ILE A 223 -11.06 -5.97 7.65
C ILE A 223 -10.39 -6.75 6.52
N ASP A 224 -10.39 -6.19 5.33
CA ASP A 224 -9.80 -6.86 4.18
C ASP A 224 -8.49 -6.26 3.70
N GLY A 225 -8.03 -5.22 4.38
CA GLY A 225 -6.78 -4.57 3.98
C GLY A 225 -6.27 -3.63 5.05
N ILE A 226 -4.98 -3.30 4.96
CA ILE A 226 -4.38 -2.40 5.91
C ILE A 226 -3.52 -1.34 5.26
N ARG A 227 -3.88 -0.09 5.44
CA ARG A 227 -3.09 0.99 4.91
C ARG A 227 -2.24 1.54 6.04
N MET A 228 -0.94 1.27 5.99
CA MET A 228 -0.04 1.70 7.03
C MET A 228 0.48 3.11 6.83
N ALA A 229 0.13 3.97 7.77
CA ALA A 229 0.55 5.35 7.76
C ALA A 229 2.00 5.45 8.17
N ALA A 230 2.66 6.52 7.75
CA ALA A 230 4.06 6.81 8.07
C ALA A 230 4.99 5.60 8.12
N VAL A 231 4.95 4.77 7.08
CA VAL A 231 5.82 3.59 7.06
C VAL A 231 7.27 4.00 6.90
N LYS A 232 7.51 5.29 6.66
CA LYS A 232 8.87 5.79 6.52
C LYS A 232 9.41 6.28 7.85
N HIS A 233 8.53 6.43 8.83
CA HIS A 233 8.92 6.91 10.15
C HIS A 233 8.93 5.81 11.20
N MET A 234 8.92 4.57 10.74
CA MET A 234 8.96 3.41 11.63
C MET A 234 10.11 2.52 11.18
N PRO A 235 10.78 1.87 12.13
CA PRO A 235 11.90 1.00 11.79
C PRO A 235 11.44 -0.08 10.82
N PHE A 236 12.14 -0.17 9.69
CA PHE A 236 11.79 -1.14 8.65
C PHE A 236 11.79 -2.57 9.16
N GLY A 237 12.72 -2.88 10.06
CA GLY A 237 12.82 -4.21 10.62
C GLY A 237 11.55 -4.59 11.37
N TRP A 238 11.08 -3.67 12.22
CA TRP A 238 9.88 -3.94 13.01
C TRP A 238 8.62 -4.13 12.16
N GLN A 239 8.48 -3.32 11.13
CA GLN A 239 7.31 -3.43 10.27
C GLN A 239 7.22 -4.81 9.63
N LYS A 240 8.37 -5.36 9.25
CA LYS A 240 8.37 -6.69 8.69
C LYS A 240 7.82 -7.64 9.74
N SER A 241 8.39 -7.58 10.93
CA SER A 241 7.94 -8.43 12.04
C SER A 241 6.44 -8.25 12.27
N PHE A 242 5.95 -7.05 11.94
CA PHE A 242 4.53 -6.76 12.08
C PHE A 242 3.76 -7.43 10.94
N MET A 243 4.30 -7.36 9.73
CA MET A 243 3.68 -8.00 8.59
C MET A 243 3.66 -9.50 8.83
N ALA A 244 4.72 -9.99 9.46
CA ALA A 244 4.85 -11.41 9.78
C ALA A 244 3.74 -11.83 10.72
N ALA A 245 3.49 -10.99 11.73
CA ALA A 245 2.44 -11.27 12.68
C ALA A 245 1.11 -11.39 11.94
N VAL A 246 0.85 -10.42 11.08
CA VAL A 246 -0.38 -10.41 10.31
C VAL A 246 -0.46 -11.63 9.41
N ASN A 247 0.51 -11.76 8.53
CA ASN A 247 0.55 -12.86 7.58
C ASN A 247 0.52 -14.22 8.22
N ASN A 248 1.19 -14.35 9.36
CA ASN A 248 1.22 -15.62 10.06
C ASN A 248 -0.03 -15.84 10.90
N TYR A 249 -1.00 -14.93 10.77
CA TYR A 249 -2.27 -15.04 11.48
C TYR A 249 -3.42 -14.95 10.51
N LYS A 250 -3.70 -13.74 10.04
CA LYS A 250 -4.77 -13.53 9.09
C LYS A 250 -4.36 -12.55 8.01
N PRO A 251 -3.52 -13.04 7.12
CA PRO A 251 -2.99 -12.25 6.02
C PRO A 251 -4.05 -11.43 5.30
N VAL A 252 -3.76 -10.14 5.13
CA VAL A 252 -4.65 -9.23 4.43
C VAL A 252 -3.79 -8.22 3.68
N PHE A 253 -4.22 -7.87 2.47
CA PHE A 253 -3.50 -6.93 1.62
C PHE A 253 -3.09 -5.69 2.38
N THR A 254 -1.80 -5.44 2.43
CA THR A 254 -1.29 -4.28 3.14
C THR A 254 -0.36 -3.43 2.30
N PHE A 255 -0.46 -2.13 2.51
CA PHE A 255 0.38 -1.18 1.79
C PHE A 255 0.65 0.02 2.68
N GLY A 256 1.87 0.52 2.59
CA GLY A 256 2.27 1.64 3.41
C GLY A 256 2.32 2.95 2.64
N ALA A 257 2.28 4.05 3.38
CA ALA A 257 2.34 5.37 2.81
C ALA A 257 3.74 5.91 2.96
N TRP A 258 4.47 5.89 1.87
CA TRP A 258 5.84 6.36 1.81
C TRP A 258 5.91 7.51 0.81
N PHE A 259 5.82 8.73 1.33
CA PHE A 259 5.84 9.91 0.47
C PHE A 259 7.04 10.01 -0.44
N LEU A 260 6.77 10.34 -1.69
CA LEU A 260 7.79 10.52 -2.69
C LEU A 260 7.52 11.83 -3.39
N GLY A 261 8.45 12.76 -3.27
CA GLY A 261 8.29 14.07 -3.89
C GLY A 261 8.47 14.00 -5.39
N VAL A 262 8.31 15.15 -6.03
CA VAL A 262 8.47 15.26 -7.47
C VAL A 262 9.85 14.85 -7.89
N ASN A 263 9.92 14.07 -8.97
CA ASN A 263 11.17 13.60 -9.50
C ASN A 263 11.97 12.82 -8.48
N GLU A 264 11.29 12.29 -7.46
CA GLU A 264 11.98 11.49 -6.47
C GLU A 264 11.83 10.01 -6.76
N VAL A 265 12.96 9.32 -6.83
CA VAL A 265 12.96 7.89 -7.07
C VAL A 265 13.91 7.25 -6.07
N SER A 266 13.33 6.63 -5.05
CA SER A 266 14.08 6.03 -3.97
C SER A 266 14.28 4.53 -4.11
N PRO A 267 15.52 4.11 -3.88
CA PRO A 267 15.88 2.69 -3.91
C PRO A 267 15.46 2.06 -2.61
N GLU A 268 15.54 2.84 -1.54
CA GLU A 268 15.13 2.39 -0.21
C GLU A 268 13.67 2.06 -0.26
N ASN A 269 12.92 2.93 -0.91
CA ASN A 269 11.49 2.76 -1.08
C ASN A 269 11.24 1.47 -1.82
N HIS A 270 11.92 1.29 -2.95
CA HIS A 270 11.78 0.08 -3.75
C HIS A 270 12.08 -1.14 -2.91
N LYS A 271 13.13 -1.04 -2.10
CA LYS A 271 13.53 -2.14 -1.24
C LYS A 271 12.46 -2.44 -0.21
N PHE A 272 11.97 -1.39 0.45
CA PHE A 272 10.94 -1.54 1.46
C PHE A 272 9.75 -2.29 0.88
N ALA A 273 9.25 -1.79 -0.25
CA ALA A 273 8.11 -2.41 -0.89
C ALA A 273 8.43 -3.83 -1.33
N ASN A 274 9.71 -4.11 -1.53
CA ASN A 274 10.15 -5.42 -1.99
C ASN A 274 10.44 -6.45 -0.90
N GLU A 275 10.68 -5.99 0.33
CA GLU A 275 11.01 -6.92 1.41
C GLU A 275 10.39 -6.59 2.76
N SER A 276 9.53 -5.58 2.81
CA SER A 276 8.89 -5.21 4.07
C SER A 276 7.81 -6.21 4.44
N GLY A 277 7.14 -6.73 3.41
CA GLY A 277 6.05 -7.67 3.61
C GLY A 277 4.76 -6.96 3.25
N MET A 278 4.91 -5.71 2.81
CA MET A 278 3.76 -4.88 2.43
C MET A 278 4.12 -4.09 1.18
N SER A 279 3.10 -3.65 0.45
CA SER A 279 3.33 -2.86 -0.74
C SER A 279 3.41 -1.39 -0.35
N LEU A 280 3.18 -0.52 -1.32
CA LEU A 280 3.26 0.89 -1.05
C LEU A 280 2.37 1.70 -1.95
N LEU A 281 2.12 2.93 -1.55
CA LEU A 281 1.34 3.84 -2.35
C LEU A 281 2.28 4.40 -3.40
N ASP A 282 1.96 4.16 -4.67
CA ASP A 282 2.78 4.57 -5.81
C ASP A 282 2.88 6.08 -5.99
N PHE A 283 3.59 6.74 -5.09
CA PHE A 283 3.78 8.17 -5.15
C PHE A 283 4.52 8.53 -6.42
N ARG A 284 5.50 7.71 -6.77
CA ARG A 284 6.28 7.94 -7.98
C ARG A 284 5.33 8.02 -9.16
N PHE A 285 4.36 7.12 -9.17
CA PHE A 285 3.35 7.05 -10.22
C PHE A 285 2.47 8.30 -10.18
N ALA A 286 1.96 8.60 -9.00
CA ALA A 286 1.09 9.75 -8.82
C ALA A 286 1.77 11.04 -9.24
N GLN A 287 2.96 11.27 -8.72
CA GLN A 287 3.69 12.47 -9.05
C GLN A 287 3.91 12.60 -10.55
N LYS A 288 4.32 11.52 -11.20
CA LYS A 288 4.53 11.56 -12.64
C LYS A 288 3.23 11.87 -13.35
N VAL A 289 2.17 11.20 -12.93
CA VAL A 289 0.86 11.40 -13.52
C VAL A 289 0.48 12.87 -13.44
N ARG A 290 0.68 13.45 -12.27
CA ARG A 290 0.37 14.86 -12.06
C ARG A 290 1.26 15.75 -12.93
N GLN A 291 2.54 15.42 -12.98
CA GLN A 291 3.48 16.19 -13.79
C GLN A 291 3.01 16.21 -15.24
N VAL A 292 2.51 15.07 -15.69
CA VAL A 292 2.08 14.90 -17.07
C VAL A 292 0.69 15.42 -17.40
N PHE A 293 -0.29 15.16 -16.54
CA PHE A 293 -1.66 15.61 -16.81
C PHE A 293 -2.12 16.87 -16.06
N ARG A 294 -1.52 17.13 -14.90
CA ARG A 294 -1.94 18.29 -14.11
C ARG A 294 -1.02 19.50 -14.21
N ASP A 295 0.28 19.29 -14.04
CA ASP A 295 1.20 20.41 -14.05
C ASP A 295 1.89 20.66 -15.38
N ASN A 296 1.91 19.65 -16.24
CA ASN A 296 2.54 19.81 -17.55
C ASN A 296 4.06 19.94 -17.41
N THR A 297 4.61 19.49 -16.28
CA THR A 297 6.05 19.56 -16.06
C THR A 297 6.80 18.43 -16.75
N ASP A 298 6.06 17.54 -17.41
CA ASP A 298 6.67 16.43 -18.13
C ASP A 298 5.74 15.91 -19.22
N ASN A 299 6.31 15.20 -20.19
CA ASN A 299 5.51 14.67 -21.28
C ASN A 299 5.36 13.16 -21.23
N MET A 300 4.66 12.63 -22.24
CA MET A 300 4.41 11.21 -22.34
C MET A 300 5.66 10.38 -22.11
N TYR A 301 6.80 10.92 -22.53
CA TYR A 301 8.07 10.23 -22.37
C TYR A 301 8.41 9.97 -20.91
N GLY A 302 8.17 10.96 -20.06
CA GLY A 302 8.43 10.80 -18.63
C GLY A 302 7.52 9.71 -18.09
N LEU A 303 6.28 9.71 -18.56
CA LEU A 303 5.29 8.74 -18.13
C LEU A 303 5.79 7.35 -18.47
N LYS A 304 6.17 7.15 -19.72
CA LYS A 304 6.66 5.85 -20.14
C LYS A 304 7.85 5.44 -19.30
N ALA A 305 8.75 6.39 -19.04
CA ALA A 305 9.91 6.11 -18.22
C ALA A 305 9.47 5.60 -16.87
N MET A 306 8.54 6.31 -16.24
CA MET A 306 8.03 5.93 -14.93
C MET A 306 7.45 4.51 -14.97
N LEU A 307 6.67 4.22 -16.00
CA LEU A 307 6.05 2.91 -16.15
C LEU A 307 7.09 1.80 -16.18
N GLU A 308 8.01 1.88 -17.12
CA GLU A 308 9.05 0.87 -17.27
C GLU A 308 9.91 0.73 -16.02
N GLY A 309 10.43 1.85 -15.55
CA GLY A 309 11.26 1.86 -14.36
C GLY A 309 10.56 1.18 -13.21
N SER A 310 9.37 1.67 -12.86
CA SER A 310 8.60 1.10 -11.76
C SER A 310 8.35 -0.39 -11.94
N ALA A 311 8.05 -0.81 -13.16
CA ALA A 311 7.79 -2.22 -13.43
C ALA A 311 9.03 -3.07 -13.17
N ALA A 312 10.20 -2.44 -13.17
CA ALA A 312 11.44 -3.14 -12.94
C ALA A 312 11.99 -2.92 -11.53
N ASP A 313 11.61 -1.80 -10.92
CA ASP A 313 12.09 -1.48 -9.57
C ASP A 313 11.23 -2.12 -8.49
N TYR A 314 10.00 -2.46 -8.84
CA TYR A 314 9.08 -3.08 -7.91
C TYR A 314 8.92 -4.56 -8.21
N ALA A 315 9.29 -5.39 -7.24
CA ALA A 315 9.18 -6.82 -7.38
C ALA A 315 7.74 -7.22 -7.68
N GLN A 316 6.80 -6.47 -7.10
CA GLN A 316 5.39 -6.73 -7.31
C GLN A 316 4.68 -5.41 -7.58
N VAL A 317 4.98 -4.82 -8.73
CA VAL A 317 4.40 -3.54 -9.11
C VAL A 317 2.88 -3.54 -9.01
N ASP A 318 2.25 -4.65 -9.38
CA ASP A 318 0.80 -4.74 -9.33
C ASP A 318 0.24 -4.61 -7.91
N ASP A 319 1.13 -4.52 -6.94
CA ASP A 319 0.70 -4.39 -5.54
C ASP A 319 0.81 -2.96 -5.07
N GLN A 320 1.27 -2.09 -5.95
CA GLN A 320 1.42 -0.69 -5.62
C GLN A 320 0.12 0.06 -5.78
N VAL A 321 -0.29 0.77 -4.74
CA VAL A 321 -1.54 1.50 -4.79
C VAL A 321 -1.37 2.83 -5.49
N THR A 322 -1.95 2.91 -6.67
CA THR A 322 -1.87 4.08 -7.49
C THR A 322 -2.89 5.14 -7.11
N PHE A 323 -2.66 6.36 -7.57
CA PHE A 323 -3.55 7.48 -7.31
C PHE A 323 -3.06 8.73 -8.02
N ILE A 324 -3.90 9.76 -8.02
CA ILE A 324 -3.58 11.03 -8.66
C ILE A 324 -3.60 12.16 -7.64
N ASP A 325 -4.04 11.83 -6.43
CA ASP A 325 -4.07 12.79 -5.33
C ASP A 325 -4.58 12.13 -4.03
N ASN A 326 -4.43 12.84 -2.92
CA ASN A 326 -4.88 12.32 -1.65
C ASN A 326 -5.01 13.41 -0.61
N HIS A 327 -5.31 13.01 0.61
CA HIS A 327 -5.49 13.94 1.72
C HIS A 327 -4.20 14.71 2.06
N ASP A 328 -3.05 14.21 1.58
CA ASP A 328 -1.78 14.88 1.89
C ASP A 328 -1.32 15.83 0.78
N MET A 329 -2.11 16.03 -0.25
CA MET A 329 -1.71 16.92 -1.32
C MET A 329 -2.86 17.59 -2.03
N GLU A 330 -2.57 18.71 -2.68
CA GLU A 330 -3.57 19.48 -3.39
C GLU A 330 -4.36 18.59 -4.35
N ARG A 331 -5.68 18.74 -4.30
CA ARG A 331 -6.55 17.95 -5.16
C ARG A 331 -6.12 18.11 -6.60
N PHE A 332 -6.10 16.99 -7.32
CA PHE A 332 -5.69 16.99 -8.72
C PHE A 332 -6.41 18.05 -9.52
N HIS A 333 -7.71 18.23 -9.26
CA HIS A 333 -8.46 19.22 -10.00
C HIS A 333 -8.37 20.63 -9.46
N ALA A 334 -8.06 21.54 -10.36
CA ALA A 334 -7.98 22.95 -10.03
C ALA A 334 -9.25 23.59 -10.56
N SER A 335 -9.85 24.45 -9.73
CA SER A 335 -11.10 25.12 -10.09
C SER A 335 -11.07 25.72 -11.49
N ASN A 336 -9.90 26.19 -11.89
CA ASN A 336 -9.73 26.82 -13.19
C ASN A 336 -9.29 25.82 -14.25
N ALA A 337 -8.81 24.66 -13.81
CA ALA A 337 -8.33 23.64 -14.73
C ALA A 337 -9.40 23.04 -15.61
N ASN A 338 -8.96 22.43 -16.70
CA ASN A 338 -9.84 21.78 -17.65
C ASN A 338 -10.14 20.38 -17.13
N ARG A 339 -11.41 20.11 -16.89
CA ARG A 339 -11.83 18.83 -16.35
C ARG A 339 -11.22 17.61 -17.05
N ARG A 340 -11.11 17.69 -18.37
CA ARG A 340 -10.53 16.59 -19.15
C ARG A 340 -9.19 16.11 -18.60
N LYS A 341 -8.46 17.00 -17.93
CA LYS A 341 -7.16 16.65 -17.35
C LYS A 341 -7.32 15.62 -16.25
N LEU A 342 -8.34 15.81 -15.42
CA LEU A 342 -8.62 14.90 -14.32
C LEU A 342 -9.18 13.58 -14.86
N GLU A 343 -10.18 13.70 -15.72
CA GLU A 343 -10.81 12.53 -16.32
C GLU A 343 -9.75 11.66 -16.99
N GLN A 344 -8.79 12.30 -17.65
CA GLN A 344 -7.72 11.57 -18.32
C GLN A 344 -6.82 10.87 -17.30
N ALA A 345 -6.40 11.62 -16.29
CA ALA A 345 -5.56 11.06 -15.23
C ALA A 345 -6.29 9.91 -14.57
N LEU A 346 -7.62 9.98 -14.60
CA LEU A 346 -8.44 8.93 -14.02
C LEU A 346 -8.43 7.71 -14.91
N ALA A 347 -8.82 7.89 -16.17
CA ALA A 347 -8.85 6.81 -17.14
C ALA A 347 -7.52 6.07 -17.17
N PHE A 348 -6.43 6.83 -17.18
CA PHE A 348 -5.10 6.27 -17.21
C PHE A 348 -4.89 5.36 -16.01
N THR A 349 -5.16 5.89 -14.83
CA THR A 349 -5.00 5.17 -13.58
C THR A 349 -5.87 3.92 -13.49
N LEU A 350 -7.14 4.07 -13.86
CA LEU A 350 -8.06 2.95 -13.80
C LEU A 350 -7.70 1.81 -14.74
N THR A 351 -6.80 2.07 -15.68
CA THR A 351 -6.39 1.05 -16.63
C THR A 351 -4.91 0.68 -16.53
N SER A 352 -4.22 1.25 -15.55
CA SER A 352 -2.81 0.94 -15.40
C SER A 352 -2.59 -0.16 -14.37
N ARG A 353 -1.35 -0.61 -14.25
CA ARG A 353 -1.02 -1.65 -13.30
C ARG A 353 -1.07 -1.14 -11.87
N GLY A 354 -1.37 -2.03 -10.95
CA GLY A 354 -1.44 -1.68 -9.53
C GLY A 354 -2.87 -1.68 -9.02
N VAL A 355 -3.06 -1.06 -7.86
CA VAL A 355 -4.39 -0.97 -7.27
C VAL A 355 -4.81 0.49 -7.19
N PRO A 356 -5.66 0.88 -8.14
CA PRO A 356 -6.15 2.25 -8.23
C PRO A 356 -6.94 2.67 -7.03
N ALA A 357 -6.51 3.77 -6.43
CA ALA A 357 -7.17 4.34 -5.28
C ALA A 357 -7.69 5.70 -5.66
N ILE A 358 -8.99 5.92 -5.44
CA ILE A 358 -9.59 7.19 -5.77
C ILE A 358 -9.98 7.98 -4.54
N TYR A 359 -9.42 9.18 -4.43
CA TYR A 359 -9.68 10.05 -3.31
C TYR A 359 -11.11 10.57 -3.40
N TYR A 360 -11.89 10.32 -2.35
CA TYR A 360 -13.30 10.73 -2.29
C TYR A 360 -13.54 12.14 -2.79
N GLY A 361 -14.55 12.28 -3.64
CA GLY A 361 -14.91 13.59 -4.18
C GLY A 361 -14.22 13.90 -5.50
N THR A 362 -13.22 13.11 -5.87
CA THR A 362 -12.51 13.33 -7.13
C THR A 362 -13.53 13.33 -8.26
N GLU A 363 -14.41 12.34 -8.22
CA GLU A 363 -15.45 12.18 -9.21
C GLU A 363 -16.45 13.35 -9.16
N GLN A 364 -16.27 14.24 -8.19
CA GLN A 364 -17.14 15.42 -8.08
C GLN A 364 -16.38 16.68 -8.49
N TYR A 365 -15.13 16.49 -8.91
CA TYR A 365 -14.28 17.59 -9.33
C TYR A 365 -13.96 18.54 -8.18
N MET A 366 -13.75 17.99 -7.00
CA MET A 366 -13.40 18.80 -5.85
C MET A 366 -12.02 19.39 -6.02
N SER A 367 -11.86 20.67 -5.73
CA SER A 367 -10.54 21.29 -5.83
C SER A 367 -10.17 21.81 -4.46
N GLY A 368 -8.88 21.85 -4.18
CA GLY A 368 -8.43 22.32 -2.88
C GLY A 368 -6.94 22.18 -2.74
N GLY A 369 -6.33 23.11 -1.99
CA GLY A 369 -4.91 23.09 -1.77
C GLY A 369 -4.52 22.10 -0.68
N THR A 370 -3.37 22.34 -0.08
CA THR A 370 -2.87 21.49 0.96
C THR A 370 -3.84 21.41 2.13
N ASP A 371 -3.71 20.34 2.90
CA ASP A 371 -4.56 20.10 4.07
C ASP A 371 -4.67 21.34 4.95
N PRO A 372 -5.86 21.63 5.46
CA PRO A 372 -7.04 20.79 5.28
C PRO A 372 -7.90 21.16 4.11
N ASP A 373 -7.39 22.07 3.29
CA ASP A 373 -8.15 22.53 2.15
C ASP A 373 -8.58 21.40 1.22
N ASN A 374 -7.83 20.29 1.25
CA ASN A 374 -8.13 19.15 0.41
C ASN A 374 -9.06 18.13 1.07
N ARG A 375 -9.59 18.48 2.24
CA ARG A 375 -10.47 17.57 2.95
C ARG A 375 -11.88 18.11 3.13
N ALA A 376 -12.34 18.88 2.15
CA ALA A 376 -13.66 19.45 2.19
C ALA A 376 -14.71 18.37 2.08
N ARG A 377 -15.86 18.60 2.69
CA ARG A 377 -16.94 17.64 2.63
C ARG A 377 -17.40 17.51 1.20
N ILE A 378 -17.60 16.27 0.77
CA ILE A 378 -18.05 15.99 -0.58
C ILE A 378 -19.30 16.81 -0.91
N PRO A 379 -19.17 17.71 -1.88
CA PRO A 379 -20.27 18.59 -2.28
C PRO A 379 -21.57 17.84 -2.48
N SER A 380 -21.50 16.72 -3.21
CA SER A 380 -22.69 15.94 -3.47
C SER A 380 -22.39 14.53 -3.94
N PHE A 381 -23.44 13.72 -4.01
CA PHE A 381 -23.32 12.35 -4.46
C PHE A 381 -23.97 12.22 -5.81
N SER A 382 -23.51 13.02 -6.76
CA SER A 382 -24.05 13.01 -8.09
C SER A 382 -23.38 11.97 -8.96
N THR A 383 -24.20 11.23 -9.69
CA THR A 383 -23.72 10.22 -10.58
C THR A 383 -23.74 10.81 -11.99
N SER A 384 -24.02 12.10 -12.07
CA SER A 384 -24.11 12.77 -13.35
C SER A 384 -22.76 13.28 -13.88
N THR A 385 -21.76 13.35 -13.03
CA THR A 385 -20.45 13.82 -13.47
C THR A 385 -19.85 12.89 -14.51
N THR A 386 -18.93 13.43 -15.29
CA THR A 386 -18.27 12.68 -16.32
C THR A 386 -17.23 11.77 -15.68
N ALA A 387 -16.56 12.28 -14.64
CA ALA A 387 -15.55 11.51 -13.92
C ALA A 387 -16.20 10.24 -13.37
N TYR A 388 -17.39 10.41 -12.80
CA TYR A 388 -18.15 9.31 -12.25
C TYR A 388 -18.40 8.27 -13.33
N GLN A 389 -18.91 8.73 -14.47
CA GLN A 389 -19.18 7.84 -15.59
C GLN A 389 -17.91 7.13 -16.04
N VAL A 390 -16.80 7.86 -16.00
CA VAL A 390 -15.52 7.31 -16.40
C VAL A 390 -15.18 6.12 -15.53
N ILE A 391 -15.09 6.39 -14.22
CA ILE A 391 -14.80 5.37 -13.24
C ILE A 391 -15.76 4.23 -13.42
N GLN A 392 -17.03 4.58 -13.54
CA GLN A 392 -18.08 3.61 -13.73
C GLN A 392 -17.83 2.70 -14.91
N LYS A 393 -17.31 3.25 -16.00
CA LYS A 393 -17.06 2.46 -17.19
C LYS A 393 -15.74 1.70 -17.13
N LEU A 394 -14.75 2.28 -16.49
CA LEU A 394 -13.44 1.66 -16.40
C LEU A 394 -13.25 0.65 -15.28
N ALA A 395 -13.66 1.04 -14.08
CA ALA A 395 -13.54 0.21 -12.86
C ALA A 395 -13.84 -1.28 -13.07
N PRO A 396 -15.03 -1.57 -13.58
CA PRO A 396 -15.43 -2.96 -13.80
C PRO A 396 -14.40 -3.72 -14.64
N LEU A 397 -13.64 -2.99 -15.45
CA LEU A 397 -12.64 -3.61 -16.28
C LEU A 397 -11.67 -4.42 -15.43
N ARG A 398 -11.23 -3.85 -14.32
CA ARG A 398 -10.29 -4.53 -13.44
C ARG A 398 -10.74 -5.92 -13.02
N LYS A 399 -12.02 -6.21 -13.21
CA LYS A 399 -12.56 -7.50 -12.84
C LYS A 399 -12.85 -8.37 -14.07
N SER A 400 -13.30 -7.74 -15.13
CA SER A 400 -13.63 -8.47 -16.35
C SER A 400 -12.41 -8.74 -17.23
N ASN A 401 -11.40 -7.89 -17.11
CA ASN A 401 -10.20 -8.03 -17.91
C ASN A 401 -8.95 -8.18 -17.06
N PRO A 402 -8.47 -9.42 -16.94
CA PRO A 402 -7.27 -9.71 -16.15
C PRO A 402 -6.06 -8.93 -16.65
N ALA A 403 -6.07 -8.59 -17.94
CA ALA A 403 -4.95 -7.84 -18.51
C ALA A 403 -4.74 -6.54 -17.74
N ILE A 404 -5.83 -5.94 -17.29
CA ILE A 404 -5.74 -4.69 -16.56
C ILE A 404 -5.26 -4.94 -15.14
N ALA A 405 -5.77 -5.99 -14.52
CA ALA A 405 -5.41 -6.31 -13.15
C ALA A 405 -3.99 -6.84 -13.01
N TYR A 406 -3.62 -7.79 -13.86
CA TYR A 406 -2.31 -8.43 -13.79
C TYR A 406 -1.48 -8.30 -15.05
N GLY A 407 -2.09 -7.82 -16.12
CA GLY A 407 -1.38 -7.74 -17.40
C GLY A 407 -0.13 -6.89 -17.35
N SER A 408 0.69 -7.05 -18.38
CA SER A 408 1.92 -6.30 -18.50
C SER A 408 1.63 -4.93 -19.10
N THR A 409 2.64 -4.09 -19.11
CA THR A 409 2.48 -2.75 -19.64
C THR A 409 3.50 -2.45 -20.71
N GLN A 410 3.03 -2.31 -21.95
CA GLN A 410 3.93 -2.03 -23.05
C GLN A 410 3.47 -0.84 -23.87
N GLU A 411 4.40 0.07 -24.14
CA GLU A 411 4.08 1.24 -24.95
C GLU A 411 4.04 0.85 -26.41
N ARG A 412 2.90 1.09 -27.06
CA ARG A 412 2.75 0.74 -28.46
C ARG A 412 2.82 1.93 -29.42
N TRP A 413 2.44 3.11 -28.94
CA TRP A 413 2.51 4.34 -29.73
C TRP A 413 2.81 5.47 -28.79
N ILE A 414 3.79 6.30 -29.13
CA ILE A 414 4.12 7.39 -28.26
C ILE A 414 4.71 8.62 -28.89
N ASN A 415 4.41 9.74 -28.25
CA ASN A 415 4.97 11.02 -28.61
C ASN A 415 4.80 11.99 -27.45
N ASN A 416 5.25 13.22 -27.64
CA ASN A 416 5.20 14.25 -26.59
C ASN A 416 3.93 14.28 -25.76
N ASP A 417 2.78 14.23 -26.43
CA ASP A 417 1.50 14.29 -25.73
C ASP A 417 0.70 12.99 -25.82
N VAL A 418 0.95 12.21 -26.86
CA VAL A 418 0.23 10.97 -27.04
C VAL A 418 0.93 9.77 -26.47
N LEU A 419 0.12 8.92 -25.84
CA LEU A 419 0.61 7.68 -25.25
C LEU A 419 -0.41 6.59 -25.46
N ILE A 420 0.01 5.53 -26.11
CA ILE A 420 -0.84 4.39 -26.36
C ILE A 420 -0.14 3.16 -25.81
N TYR A 421 -0.70 2.61 -24.74
CA TYR A 421 -0.11 1.45 -24.10
C TYR A 421 -0.99 0.21 -24.14
N GLU A 422 -0.37 -0.94 -23.93
CA GLU A 422 -1.07 -2.18 -23.96
C GLU A 422 -0.81 -3.04 -22.74
N ARG A 423 -1.87 -3.64 -22.24
CA ARG A 423 -1.78 -4.55 -21.11
C ARG A 423 -2.12 -5.94 -21.61
N LYS A 424 -1.24 -6.89 -21.35
CA LYS A 424 -1.46 -8.25 -21.78
C LYS A 424 -1.37 -9.22 -20.65
N PHE A 425 -2.21 -10.24 -20.72
CA PHE A 425 -2.24 -11.31 -19.73
C PHE A 425 -3.02 -12.47 -20.31
N GLY A 426 -2.31 -13.53 -20.68
CA GLY A 426 -2.92 -14.70 -21.26
C GLY A 426 -3.63 -14.32 -22.55
N SER A 427 -4.87 -14.76 -22.68
CA SER A 427 -5.66 -14.46 -23.87
C SER A 427 -6.48 -13.20 -23.67
N ASN A 428 -5.92 -12.27 -22.90
CA ASN A 428 -6.59 -10.99 -22.64
C ASN A 428 -5.67 -9.83 -22.95
N VAL A 429 -6.25 -8.79 -23.53
CA VAL A 429 -5.50 -7.61 -23.92
C VAL A 429 -6.29 -6.34 -23.69
N ALA A 430 -5.58 -5.24 -23.53
CA ALA A 430 -6.20 -3.94 -23.32
C ALA A 430 -5.30 -2.85 -23.88
N VAL A 431 -5.82 -2.12 -24.87
CA VAL A 431 -5.07 -1.05 -25.48
C VAL A 431 -5.64 0.30 -25.09
N VAL A 432 -4.81 1.10 -24.43
CA VAL A 432 -5.24 2.43 -24.00
C VAL A 432 -4.51 3.53 -24.74
N ALA A 433 -5.28 4.48 -25.24
CA ALA A 433 -4.75 5.62 -25.98
C ALA A 433 -5.12 6.91 -25.30
N VAL A 434 -4.12 7.72 -25.00
CA VAL A 434 -4.36 8.99 -24.34
C VAL A 434 -3.65 10.15 -25.00
N ASN A 435 -4.45 11.11 -25.44
CA ASN A 435 -3.92 12.33 -26.04
C ASN A 435 -4.13 13.45 -25.06
N ARG A 436 -3.11 13.74 -24.27
CA ARG A 436 -3.20 14.80 -23.29
C ARG A 436 -3.37 16.17 -23.95
N ASN A 437 -2.90 16.29 -25.19
CA ASN A 437 -3.02 17.57 -25.90
C ASN A 437 -4.48 17.94 -26.10
N LEU A 438 -4.93 18.89 -25.31
CA LEU A 438 -6.30 19.34 -25.34
C LEU A 438 -6.65 20.23 -26.52
N ASN A 439 -5.64 20.72 -27.23
CA ASN A 439 -5.89 21.60 -28.36
C ASN A 439 -5.56 20.98 -29.71
N ALA A 440 -4.82 19.87 -29.72
CA ALA A 440 -4.43 19.25 -30.98
C ALA A 440 -4.73 17.76 -31.09
N PRO A 441 -5.18 17.35 -32.27
CA PRO A 441 -5.47 15.95 -32.53
C PRO A 441 -4.19 15.26 -32.97
N ALA A 442 -4.21 13.94 -32.99
CA ALA A 442 -3.03 13.19 -33.39
C ALA A 442 -3.34 12.13 -34.42
N SER A 443 -2.52 12.07 -35.46
CA SER A 443 -2.70 11.07 -36.49
C SER A 443 -2.03 9.79 -36.06
N ILE A 444 -2.82 8.81 -35.66
CA ILE A 444 -2.29 7.55 -35.21
C ILE A 444 -2.13 6.56 -36.34
N SER A 445 -0.90 6.37 -36.77
CA SER A 445 -0.59 5.44 -37.82
C SER A 445 0.56 4.54 -37.41
N GLY A 446 0.56 3.33 -37.95
CA GLY A 446 1.61 2.37 -37.64
C GLY A 446 1.44 1.74 -36.27
N LEU A 447 0.24 1.84 -35.70
CA LEU A 447 0.01 1.25 -34.39
C LEU A 447 -0.12 -0.25 -34.49
N VAL A 448 0.63 -0.95 -33.65
CA VAL A 448 0.60 -2.39 -33.62
C VAL A 448 0.28 -2.86 -32.22
N THR A 449 -0.61 -3.84 -32.13
CA THR A 449 -1.01 -4.36 -30.84
C THR A 449 -1.10 -5.87 -30.85
N SER A 450 -1.57 -6.42 -29.75
CA SER A 450 -1.74 -7.84 -29.62
C SER A 450 -3.20 -8.20 -29.82
N LEU A 451 -4.00 -7.19 -30.16
CA LEU A 451 -5.43 -7.42 -30.38
C LEU A 451 -5.66 -8.21 -31.64
N PRO A 452 -6.45 -9.28 -31.53
CA PRO A 452 -6.76 -10.09 -32.69
C PRO A 452 -7.52 -9.23 -33.68
N GLN A 453 -7.49 -9.61 -34.95
CA GLN A 453 -8.18 -8.85 -35.98
C GLN A 453 -9.63 -8.63 -35.61
N GLY A 454 -10.09 -7.40 -35.73
CA GLY A 454 -11.47 -7.09 -35.43
C GLY A 454 -11.71 -5.61 -35.17
N SER A 455 -13.00 -5.25 -35.09
CA SER A 455 -13.40 -3.89 -34.83
C SER A 455 -13.60 -3.70 -33.34
N TYR A 456 -12.88 -2.74 -32.77
CA TYR A 456 -12.96 -2.50 -31.35
C TYR A 456 -13.58 -1.16 -31.01
N ASN A 457 -14.68 -1.20 -30.27
CA ASN A 457 -15.37 0.01 -29.87
C ASN A 457 -14.76 0.54 -28.60
N ASP A 458 -14.85 1.84 -28.39
CA ASP A 458 -14.31 2.44 -27.22
C ASP A 458 -15.17 2.12 -26.02
N VAL A 459 -14.54 1.45 -25.05
CA VAL A 459 -15.23 1.06 -23.84
C VAL A 459 -15.75 2.30 -23.14
N LEU A 460 -15.14 3.45 -23.44
CA LEU A 460 -15.56 4.71 -22.85
C LEU A 460 -16.76 5.30 -23.58
N GLY A 461 -17.16 4.63 -24.66
CA GLY A 461 -18.31 5.07 -25.45
C GLY A 461 -18.15 6.51 -25.91
N GLY A 462 -16.95 6.87 -26.34
CA GLY A 462 -16.67 8.21 -26.81
C GLY A 462 -16.75 9.24 -25.69
N LEU A 463 -16.95 8.78 -24.47
CA LEU A 463 -17.05 9.67 -23.32
C LEU A 463 -15.91 10.68 -23.24
N LEU A 464 -14.68 10.19 -23.41
CA LEU A 464 -13.50 11.04 -23.39
C LEU A 464 -12.97 11.27 -24.82
N ASN A 465 -13.93 11.46 -25.73
CA ASN A 465 -13.63 11.71 -27.14
C ASN A 465 -12.89 10.56 -27.76
N GLY A 466 -13.27 9.36 -27.35
CA GLY A 466 -12.66 8.14 -27.87
C GLY A 466 -13.18 7.84 -29.26
N ASN A 467 -12.62 6.81 -29.87
CA ASN A 467 -13.01 6.41 -31.19
C ASN A 467 -12.90 4.91 -31.33
N THR A 468 -13.33 4.40 -32.47
CA THR A 468 -13.28 2.97 -32.71
C THR A 468 -11.96 2.57 -33.33
N LEU A 469 -11.41 1.47 -32.84
CA LEU A 469 -10.16 0.97 -33.35
C LEU A 469 -10.39 -0.16 -34.34
N SER A 470 -9.68 -0.10 -35.46
CA SER A 470 -9.82 -1.12 -36.47
C SER A 470 -8.54 -1.94 -36.57
N VAL A 471 -8.60 -3.15 -36.03
CA VAL A 471 -7.45 -4.03 -36.01
C VAL A 471 -7.49 -5.05 -37.13
N GLY A 472 -6.51 -4.97 -38.02
CA GLY A 472 -6.39 -5.89 -39.13
C GLY A 472 -5.55 -7.08 -38.69
N SER A 473 -4.83 -7.67 -39.63
CA SER A 473 -3.99 -8.82 -39.31
C SER A 473 -2.67 -8.39 -38.69
N GLY A 474 -2.16 -9.21 -37.78
CA GLY A 474 -0.90 -8.94 -37.12
C GLY A 474 -1.00 -7.92 -35.99
N GLY A 475 -2.23 -7.57 -35.62
CA GLY A 475 -2.46 -6.60 -34.56
C GLY A 475 -2.34 -5.17 -35.09
N ALA A 476 -2.15 -5.05 -36.40
CA ALA A 476 -2.01 -3.76 -37.04
C ALA A 476 -3.32 -2.98 -37.05
N ALA A 477 -3.32 -1.82 -36.42
CA ALA A 477 -4.50 -0.98 -36.33
C ALA A 477 -4.53 0.04 -37.46
N SER A 478 -5.61 0.05 -38.22
CA SER A 478 -5.76 0.98 -39.32
C SER A 478 -5.56 2.40 -38.81
N ASN A 479 -5.04 3.26 -39.67
CA ASN A 479 -4.77 4.64 -39.28
C ASN A 479 -6.04 5.34 -38.82
N PHE A 480 -5.91 6.10 -37.75
CA PHE A 480 -7.04 6.82 -37.20
C PHE A 480 -6.60 8.10 -36.53
N THR A 481 -7.56 8.98 -36.30
CA THR A 481 -7.28 10.24 -35.66
C THR A 481 -7.66 10.22 -34.19
N LEU A 482 -6.73 10.69 -33.35
CA LEU A 482 -6.96 10.73 -31.93
C LEU A 482 -7.28 12.15 -31.51
N ALA A 483 -8.58 12.39 -31.31
CA ALA A 483 -9.10 13.69 -30.93
C ALA A 483 -8.30 14.34 -29.83
N ALA A 484 -8.37 15.67 -29.77
CA ALA A 484 -7.68 16.42 -28.74
C ALA A 484 -8.23 15.97 -27.39
N GLY A 485 -7.35 15.85 -26.41
CA GLY A 485 -7.76 15.40 -25.07
C GLY A 485 -8.51 14.07 -25.19
N GLY A 486 -8.31 13.39 -26.31
CA GLY A 486 -8.97 12.12 -26.60
C GLY A 486 -8.43 10.94 -25.78
N THR A 487 -9.34 10.09 -25.32
CA THR A 487 -8.99 8.94 -24.52
C THR A 487 -9.88 7.76 -24.89
N ALA A 488 -9.27 6.72 -25.43
CA ALA A 488 -10.03 5.54 -25.82
C ALA A 488 -9.53 4.32 -25.09
N VAL A 489 -10.36 3.29 -25.07
CA VAL A 489 -10.01 2.05 -24.43
C VAL A 489 -10.60 0.88 -25.19
N TRP A 490 -9.71 0.08 -25.76
CA TRP A 490 -10.10 -1.09 -26.52
C TRP A 490 -9.64 -2.33 -25.75
N GLN A 491 -10.42 -3.40 -25.82
CA GLN A 491 -10.11 -4.58 -25.08
C GLN A 491 -10.49 -5.88 -25.77
N TYR A 492 -9.81 -6.93 -25.34
CA TYR A 492 -10.06 -8.26 -25.84
C TYR A 492 -9.93 -9.25 -24.69
N THR A 493 -10.94 -10.09 -24.54
CA THR A 493 -10.92 -11.10 -23.50
C THR A 493 -11.30 -12.45 -24.07
N ALA A 494 -10.64 -13.48 -23.56
CA ALA A 494 -10.89 -14.83 -24.00
C ALA A 494 -10.31 -15.82 -23.02
N ALA A 495 -10.77 -17.05 -23.06
CA ALA A 495 -10.33 -18.09 -22.17
C ALA A 495 -8.83 -18.30 -22.33
N THR A 496 -8.14 -18.47 -21.22
CA THR A 496 -6.70 -18.70 -21.24
C THR A 496 -6.40 -20.18 -21.01
N ALA A 497 -5.91 -20.84 -22.06
CA ALA A 497 -5.62 -22.26 -22.02
C ALA A 497 -4.49 -22.65 -21.09
N THR A 498 -3.38 -21.91 -21.16
CA THR A 498 -2.23 -22.23 -20.33
C THR A 498 -2.26 -21.52 -18.98
N PRO A 499 -1.78 -22.20 -17.94
CA PRO A 499 -1.76 -21.66 -16.58
C PRO A 499 -0.94 -20.39 -16.49
N THR A 500 -1.56 -19.30 -16.06
CA THR A 500 -0.87 -18.04 -15.93
C THR A 500 -1.11 -17.39 -14.59
N ILE A 501 -0.03 -17.14 -13.87
CA ILE A 501 -0.10 -16.51 -12.57
C ILE A 501 -0.07 -15.00 -12.71
N GLY A 502 -1.07 -14.34 -12.14
CA GLY A 502 -1.16 -12.90 -12.21
C GLY A 502 -0.82 -12.27 -10.88
N HIS A 503 -1.13 -12.96 -9.80
CA HIS A 503 -0.87 -12.43 -8.48
C HIS A 503 -0.65 -13.51 -7.43
N VAL A 504 -0.02 -13.11 -6.34
CA VAL A 504 0.26 -14.01 -5.24
C VAL A 504 0.36 -13.22 -3.94
N GLY A 505 -0.35 -13.68 -2.92
CA GLY A 505 -0.34 -13.00 -1.63
C GLY A 505 -0.85 -13.89 -0.50
N PRO A 506 -0.27 -13.72 0.69
CA PRO A 506 0.79 -12.72 0.87
C PRO A 506 2.07 -13.20 0.21
N MET A 507 3.13 -12.41 0.33
CA MET A 507 4.39 -12.75 -0.29
C MET A 507 5.45 -13.06 0.74
N MET A 508 5.06 -13.06 2.00
CA MET A 508 6.00 -13.35 3.07
C MET A 508 5.32 -14.02 4.25
N ALA A 509 5.69 -15.27 4.50
CA ALA A 509 5.11 -15.99 5.60
C ALA A 509 5.86 -17.28 5.90
N LYS A 510 5.48 -17.90 7.01
CA LYS A 510 6.08 -19.15 7.46
C LYS A 510 5.30 -20.33 6.87
N PRO A 511 5.94 -21.49 6.81
CA PRO A 511 5.29 -22.67 6.27
C PRO A 511 4.04 -23.00 7.08
N GLY A 512 3.03 -23.57 6.43
CA GLY A 512 1.78 -23.90 7.09
C GLY A 512 0.75 -22.81 6.83
N VAL A 513 1.23 -21.65 6.43
CA VAL A 513 0.37 -20.54 6.11
C VAL A 513 -0.20 -20.70 4.71
N THR A 514 -1.43 -20.26 4.53
CA THR A 514 -2.11 -20.40 3.26
C THR A 514 -1.97 -19.17 2.39
N ILE A 515 -1.27 -19.33 1.27
CA ILE A 515 -1.11 -18.25 0.34
C ILE A 515 -2.14 -18.35 -0.76
N THR A 516 -2.43 -17.23 -1.38
CA THR A 516 -3.40 -17.19 -2.45
C THR A 516 -2.72 -16.91 -3.78
N ILE A 517 -3.01 -17.76 -4.75
CA ILE A 517 -2.42 -17.64 -6.07
C ILE A 517 -3.49 -17.40 -7.11
N ASP A 518 -3.52 -16.18 -7.64
CA ASP A 518 -4.50 -15.80 -8.62
C ASP A 518 -3.95 -15.71 -10.03
N GLY A 519 -4.85 -15.82 -11.00
CA GLY A 519 -4.47 -15.74 -12.40
C GLY A 519 -5.57 -16.37 -13.25
N ARG A 520 -5.16 -17.03 -14.33
CA ARG A 520 -6.10 -17.69 -15.21
C ARG A 520 -5.46 -18.92 -15.83
N GLY A 521 -6.29 -19.87 -16.21
CA GLY A 521 -5.81 -21.10 -16.85
C GLY A 521 -5.36 -22.19 -15.87
N PHE A 522 -5.68 -22.02 -14.59
CA PHE A 522 -5.29 -23.00 -13.59
C PHE A 522 -6.06 -24.31 -13.79
N GLY A 523 -7.27 -24.20 -14.34
CA GLY A 523 -8.09 -25.38 -14.59
C GLY A 523 -8.93 -25.73 -13.36
N SER A 524 -10.02 -26.45 -13.58
CA SER A 524 -10.90 -26.84 -12.49
C SER A 524 -10.31 -27.96 -11.63
N SER A 525 -9.61 -28.90 -12.27
CA SER A 525 -9.00 -30.01 -11.56
C SER A 525 -7.69 -29.62 -10.93
N LYS A 526 -7.57 -29.86 -9.63
CA LYS A 526 -6.37 -29.50 -8.88
C LYS A 526 -5.10 -29.96 -9.57
N GLY A 527 -4.05 -29.16 -9.43
CA GLY A 527 -2.80 -29.47 -10.05
C GLY A 527 -1.67 -29.52 -9.04
N THR A 528 -0.55 -28.90 -9.40
CA THR A 528 0.61 -28.88 -8.54
C THR A 528 1.09 -27.46 -8.32
N VAL A 529 1.75 -27.23 -7.21
CA VAL A 529 2.27 -25.91 -6.90
C VAL A 529 3.72 -26.04 -6.49
N TYR A 530 4.57 -25.21 -7.09
CA TYR A 530 5.98 -25.29 -6.79
C TYR A 530 6.54 -24.12 -6.03
N PHE A 531 7.25 -24.45 -4.96
CA PHE A 531 7.93 -23.47 -4.16
C PHE A 531 9.40 -23.72 -4.43
N GLY A 532 9.79 -23.39 -5.66
CA GLY A 532 11.13 -23.62 -6.12
C GLY A 532 11.13 -25.00 -6.76
N THR A 533 11.94 -25.89 -6.24
CA THR A 533 12.01 -27.24 -6.74
C THR A 533 11.01 -28.10 -5.99
N THR A 534 10.56 -27.60 -4.84
CA THR A 534 9.62 -28.33 -4.00
C THR A 534 8.21 -28.32 -4.56
N ALA A 535 7.67 -29.52 -4.73
CA ALA A 535 6.33 -29.69 -5.27
C ALA A 535 5.32 -29.89 -4.17
N VAL A 536 4.17 -29.23 -4.32
CA VAL A 536 3.08 -29.34 -3.37
C VAL A 536 1.82 -29.66 -4.12
N SER A 537 1.13 -30.70 -3.68
CA SER A 537 -0.12 -31.08 -4.30
C SER A 537 -1.02 -31.78 -3.31
N GLY A 538 -2.25 -32.02 -3.75
CA GLY A 538 -3.24 -32.69 -2.92
C GLY A 538 -3.69 -31.87 -1.73
N ALA A 539 -3.77 -32.53 -0.58
CA ALA A 539 -4.24 -31.95 0.67
C ALA A 539 -3.77 -30.53 0.95
N ASP A 540 -2.47 -30.31 0.99
CA ASP A 540 -1.97 -28.99 1.28
C ASP A 540 -2.48 -27.92 0.33
N ILE A 541 -3.13 -28.37 -0.74
CA ILE A 541 -3.76 -27.46 -1.69
C ILE A 541 -5.24 -27.41 -1.30
N THR A 542 -5.56 -26.52 -0.38
CA THR A 542 -6.93 -26.39 0.12
C THR A 542 -7.94 -26.27 -0.98
N SER A 543 -7.78 -25.27 -1.83
CA SER A 543 -8.72 -25.06 -2.92
C SER A 543 -8.01 -24.80 -4.24
N TRP A 544 -8.69 -25.15 -5.32
CA TRP A 544 -8.15 -24.97 -6.64
C TRP A 544 -9.26 -24.90 -7.69
N GLU A 545 -9.20 -23.84 -8.50
CA GLU A 545 -10.11 -23.64 -9.61
C GLU A 545 -9.33 -22.90 -10.70
N ASP A 546 -10.04 -22.34 -11.68
CA ASP A 546 -9.36 -21.67 -12.78
C ASP A 546 -8.60 -20.37 -12.46
N THR A 547 -9.19 -19.50 -11.66
CA THR A 547 -8.56 -18.22 -11.37
C THR A 547 -7.93 -18.09 -10.00
N GLN A 548 -8.28 -18.99 -9.08
CA GLN A 548 -7.71 -18.91 -7.75
C GLN A 548 -7.29 -20.25 -7.17
N ILE A 549 -6.19 -20.22 -6.45
CA ILE A 549 -5.67 -21.42 -5.81
C ILE A 549 -5.20 -21.10 -4.41
N LYS A 550 -5.62 -21.91 -3.47
CA LYS A 550 -5.22 -21.74 -2.09
C LYS A 550 -4.32 -22.90 -1.74
N VAL A 551 -3.16 -22.60 -1.16
CA VAL A 551 -2.22 -23.65 -0.81
C VAL A 551 -1.39 -23.30 0.41
N LYS A 552 -1.04 -24.33 1.16
CA LYS A 552 -0.23 -24.16 2.37
C LYS A 552 1.24 -24.14 2.01
N ILE A 553 1.97 -23.20 2.58
CA ILE A 553 3.39 -23.09 2.32
C ILE A 553 4.11 -24.30 2.89
N PRO A 554 4.87 -24.99 2.04
CA PRO A 554 5.60 -26.18 2.44
C PRO A 554 6.61 -25.89 3.52
N ALA A 555 6.97 -26.91 4.29
CA ALA A 555 7.94 -26.74 5.33
C ALA A 555 9.36 -26.73 4.75
N VAL A 556 9.67 -25.66 4.00
CA VAL A 556 10.97 -25.54 3.39
C VAL A 556 11.81 -24.49 4.12
N ALA A 557 13.12 -24.51 3.89
CA ALA A 557 14.02 -23.57 4.55
C ALA A 557 13.63 -22.13 4.25
N GLY A 558 13.93 -21.24 5.19
CA GLY A 558 13.60 -19.83 4.99
C GLY A 558 14.28 -19.33 3.72
N GLY A 559 13.73 -18.29 3.12
CA GLY A 559 14.32 -17.74 1.92
C GLY A 559 13.33 -17.40 0.82
N ASN A 560 13.87 -16.96 -0.31
CA ASN A 560 13.07 -16.56 -1.45
C ASN A 560 12.82 -17.72 -2.40
N TYR A 561 11.57 -17.88 -2.78
CA TYR A 561 11.19 -18.95 -3.66
C TYR A 561 10.43 -18.43 -4.87
N ASN A 562 10.53 -19.18 -5.96
CA ASN A 562 9.87 -18.83 -7.19
C ASN A 562 8.61 -19.66 -7.33
N ILE A 563 7.46 -19.03 -7.13
CA ILE A 563 6.22 -19.75 -7.23
C ILE A 563 5.89 -20.07 -8.67
N LYS A 564 5.19 -21.17 -8.86
CA LYS A 564 4.79 -21.61 -10.18
C LYS A 564 3.82 -22.75 -9.99
N VAL A 565 2.96 -22.97 -10.97
CA VAL A 565 1.99 -24.04 -10.88
C VAL A 565 1.87 -24.81 -12.16
N ALA A 566 1.25 -25.97 -12.07
CA ALA A 566 1.07 -26.82 -13.21
C ALA A 566 -0.32 -27.41 -13.18
N ASN A 567 -1.03 -27.29 -14.29
CA ASN A 567 -2.37 -27.83 -14.36
C ASN A 567 -2.34 -29.32 -14.12
N ALA A 568 -3.52 -29.90 -13.91
CA ALA A 568 -3.61 -31.33 -13.66
C ALA A 568 -2.95 -32.11 -14.78
N ALA A 569 -2.72 -31.46 -15.91
CA ALA A 569 -2.11 -32.11 -17.06
C ALA A 569 -0.58 -32.04 -17.05
N GLY A 570 -0.04 -31.18 -16.19
CA GLY A 570 1.41 -31.04 -16.10
C GLY A 570 1.88 -29.71 -16.71
N THR A 571 1.02 -29.11 -17.52
CA THR A 571 1.36 -27.83 -18.14
C THR A 571 1.75 -26.80 -17.09
N ALA A 572 3.00 -26.39 -17.14
CA ALA A 572 3.53 -25.43 -16.17
C ALA A 572 3.22 -23.98 -16.55
N SER A 573 3.10 -23.15 -15.52
CA SER A 573 2.79 -21.76 -15.69
C SER A 573 4.03 -20.90 -15.57
N ASN A 574 3.84 -19.61 -15.76
CA ASN A 574 4.91 -18.65 -15.64
C ASN A 574 5.41 -18.67 -14.21
N VAL A 575 6.37 -17.81 -13.93
CA VAL A 575 6.91 -17.75 -12.61
C VAL A 575 6.60 -16.47 -11.87
N TYR A 576 6.33 -16.58 -10.60
CA TYR A 576 6.05 -15.41 -9.79
C TYR A 576 7.05 -15.37 -8.64
N ASP A 577 8.27 -14.92 -8.98
CA ASP A 577 9.38 -14.86 -8.04
C ASP A 577 9.19 -13.92 -6.89
N ASN A 578 10.20 -13.90 -6.02
CA ASN A 578 10.24 -13.07 -4.85
C ASN A 578 9.32 -13.46 -3.71
N PHE A 579 8.98 -14.73 -3.59
CA PHE A 579 8.15 -15.11 -2.46
C PHE A 579 9.08 -15.37 -1.29
N GLU A 580 8.69 -14.99 -0.09
CA GLU A 580 9.55 -15.20 1.05
C GLU A 580 8.99 -16.15 2.08
N VAL A 581 9.71 -17.24 2.30
CA VAL A 581 9.35 -18.20 3.29
C VAL A 581 10.11 -17.87 4.55
N LEU A 582 9.40 -17.40 5.57
CA LEU A 582 10.03 -17.02 6.81
C LEU A 582 10.60 -18.23 7.52
N SER A 583 11.53 -18.00 8.44
CA SER A 583 12.14 -19.07 9.19
C SER A 583 11.21 -19.52 10.31
N GLY A 584 10.08 -18.82 10.44
CA GLY A 584 9.09 -19.13 11.46
C GLY A 584 8.54 -17.84 12.04
N ASP A 585 7.93 -17.93 13.22
CA ASP A 585 7.38 -16.74 13.86
C ASP A 585 8.48 -15.71 14.04
N GLN A 586 8.13 -14.45 13.85
CA GLN A 586 9.10 -13.37 13.92
C GLN A 586 8.98 -12.50 15.15
N VAL A 587 10.07 -11.81 15.44
CA VAL A 587 10.14 -10.89 16.56
C VAL A 587 11.17 -9.82 16.23
N SER A 588 10.86 -8.58 16.58
CA SER A 588 11.76 -7.47 16.29
C SER A 588 12.92 -7.42 17.26
N VAL A 589 14.12 -7.65 16.76
CA VAL A 589 15.30 -7.65 17.59
C VAL A 589 16.25 -6.52 17.20
N ARG A 590 16.67 -5.75 18.19
CA ARG A 590 17.59 -4.66 17.93
C ARG A 590 19.03 -5.07 18.11
N PHE A 591 19.79 -4.99 17.02
CA PHE A 591 21.20 -5.35 17.07
C PHE A 591 22.05 -4.11 17.28
N VAL A 592 23.01 -4.22 18.18
CA VAL A 592 23.89 -3.12 18.46
C VAL A 592 25.35 -3.55 18.41
N VAL A 593 26.11 -2.87 17.58
CA VAL A 593 27.53 -3.15 17.45
C VAL A 593 28.32 -1.90 17.85
N ASN A 594 29.31 -2.07 18.72
CA ASN A 594 30.12 -0.92 19.17
C ASN A 594 31.49 -0.88 18.56
N ASN A 595 32.11 0.29 18.68
CA ASN A 595 33.45 0.52 18.18
C ASN A 595 33.65 0.02 16.77
N ALA A 596 32.74 0.42 15.88
CA ALA A 596 32.84 0.03 14.49
C ALA A 596 33.12 1.27 13.65
N THR A 597 34.32 1.81 13.80
CA THR A 597 34.71 2.99 13.05
C THR A 597 34.71 2.68 11.57
N THR A 598 34.51 3.73 10.78
CA THR A 598 34.48 3.59 9.34
C THR A 598 34.87 4.89 8.69
N ALA A 599 34.91 4.87 7.36
CA ALA A 599 35.24 6.04 6.59
C ALA A 599 34.02 6.42 5.79
N LEU A 600 33.94 7.68 5.40
CA LEU A 600 32.82 8.20 4.62
C LEU A 600 32.46 7.29 3.45
N GLY A 601 31.21 6.82 3.45
CA GLY A 601 30.72 5.93 2.40
C GLY A 601 30.66 4.49 2.92
N GLN A 602 31.51 4.20 3.89
CA GLN A 602 31.57 2.88 4.50
C GLN A 602 30.48 2.73 5.53
N ASN A 603 29.57 1.78 5.32
CA ASN A 603 28.49 1.55 6.27
C ASN A 603 28.45 0.13 6.79
N VAL A 604 28.18 0.01 8.08
CA VAL A 604 28.12 -1.29 8.74
C VAL A 604 26.81 -2.01 8.45
N TYR A 605 26.90 -3.32 8.24
CA TYR A 605 25.74 -4.13 7.98
C TYR A 605 25.75 -5.36 8.88
N LEU A 606 24.68 -6.12 8.84
CA LEU A 606 24.57 -7.31 9.67
C LEU A 606 24.25 -8.57 8.87
N THR A 607 25.01 -9.63 9.13
CA THR A 607 24.80 -10.91 8.46
C THR A 607 24.60 -12.02 9.51
N GLY A 608 23.92 -13.08 9.12
CA GLY A 608 23.64 -14.17 10.04
C GLY A 608 23.27 -15.49 9.39
N SER A 609 23.17 -16.51 10.24
CA SER A 609 22.86 -17.87 9.84
C SER A 609 21.41 -18.12 9.42
N VAL A 610 20.58 -17.10 9.47
CA VAL A 610 19.18 -17.29 9.06
C VAL A 610 18.85 -16.47 7.83
N SER A 611 17.86 -16.91 7.07
CA SER A 611 17.47 -16.20 5.87
C SER A 611 17.06 -14.77 6.19
N GLU A 612 16.56 -14.55 7.41
CA GLU A 612 16.16 -13.22 7.86
C GLU A 612 17.40 -12.36 8.04
N LEU A 613 18.56 -12.98 7.98
CA LEU A 613 19.83 -12.29 8.14
C LEU A 613 20.68 -12.33 6.87
N GLY A 614 20.14 -12.94 5.82
CA GLY A 614 20.84 -13.03 4.54
C GLY A 614 21.62 -14.33 4.40
N ASN A 615 21.57 -15.17 5.43
CA ASN A 615 22.27 -16.45 5.42
C ASN A 615 23.73 -16.27 5.04
N TRP A 616 24.39 -15.33 5.72
CA TRP A 616 25.80 -15.07 5.49
C TRP A 616 26.12 -14.41 4.16
N ASP A 617 25.07 -14.04 3.41
CA ASP A 617 25.29 -13.37 2.14
C ASP A 617 25.36 -11.85 2.31
N PRO A 618 26.53 -11.29 2.04
CA PRO A 618 26.74 -9.85 2.18
C PRO A 618 25.80 -9.02 1.32
N ALA A 619 25.44 -9.55 0.15
CA ALA A 619 24.54 -8.83 -0.74
C ALA A 619 23.16 -8.75 -0.09
N LYS A 620 22.81 -9.77 0.69
CA LYS A 620 21.53 -9.80 1.37
C LYS A 620 21.68 -9.36 2.82
N ALA A 621 22.82 -8.77 3.13
CA ALA A 621 23.07 -8.30 4.48
C ALA A 621 22.08 -7.23 4.90
N ILE A 622 21.94 -7.05 6.20
CA ILE A 622 21.03 -6.07 6.76
C ILE A 622 21.73 -4.74 6.97
N GLY A 623 21.05 -3.66 6.63
CA GLY A 623 21.61 -2.32 6.77
C GLY A 623 21.26 -1.46 5.56
N PRO A 624 21.94 -0.32 5.41
CA PRO A 624 22.99 0.08 6.35
C PRO A 624 22.43 0.39 7.72
N MET A 625 23.24 0.14 8.74
CA MET A 625 22.83 0.39 10.10
C MET A 625 22.88 1.87 10.43
N TYR A 626 22.18 2.24 11.49
CA TYR A 626 22.10 3.62 11.93
C TYR A 626 23.18 3.93 12.96
N ASN A 627 23.35 5.22 13.26
CA ASN A 627 24.37 5.65 14.21
C ASN A 627 24.21 7.11 14.62
N GLN A 628 22.99 7.61 14.61
CA GLN A 628 22.79 9.01 14.93
C GLN A 628 21.87 9.24 16.10
N VAL A 629 20.63 8.79 15.96
CA VAL A 629 19.64 8.99 17.01
C VAL A 629 19.86 8.12 18.25
N VAL A 630 19.30 6.91 18.23
CA VAL A 630 19.44 6.03 19.38
C VAL A 630 20.90 5.83 19.80
N TYR A 631 21.72 5.35 18.87
CA TYR A 631 23.13 5.13 19.17
C TYR A 631 24.01 5.96 18.27
N GLN A 632 25.15 6.41 18.80
CA GLN A 632 26.07 7.25 18.04
C GLN A 632 27.38 6.54 17.68
N TYR A 633 27.83 6.79 16.46
CA TYR A 633 29.07 6.23 15.94
C TYR A 633 30.21 6.50 16.93
N PRO A 634 31.18 5.58 17.02
CA PRO A 634 31.21 4.38 16.19
C PRO A 634 30.28 3.28 16.68
N ASN A 635 29.11 3.67 17.18
CA ASN A 635 28.14 2.70 17.64
C ASN A 635 27.01 2.58 16.64
N TRP A 636 26.78 1.38 16.14
CA TRP A 636 25.72 1.16 15.16
C TRP A 636 24.60 0.27 15.69
N TYR A 637 23.38 0.59 15.28
CA TYR A 637 22.21 -0.16 15.71
C TYR A 637 21.23 -0.35 14.57
N TYR A 638 20.30 -1.29 14.76
CA TYR A 638 19.30 -1.58 13.76
C TYR A 638 18.31 -2.62 14.26
N ASP A 639 17.04 -2.39 13.97
CA ASP A 639 15.98 -3.29 14.37
C ASP A 639 15.71 -4.28 13.26
N VAL A 640 15.79 -5.56 13.58
CA VAL A 640 15.61 -6.60 12.59
C VAL A 640 14.62 -7.67 12.98
N SER A 641 13.85 -8.12 11.99
CA SER A 641 12.88 -9.17 12.19
C SER A 641 13.59 -10.51 12.06
N VAL A 642 13.67 -11.23 13.17
CA VAL A 642 14.32 -12.51 13.19
C VAL A 642 13.38 -13.59 13.68
N PRO A 643 13.67 -14.83 13.32
CA PRO A 643 12.84 -15.95 13.75
C PRO A 643 12.93 -16.08 15.27
N ALA A 644 11.78 -15.98 15.92
CA ALA A 644 11.69 -16.05 17.37
C ALA A 644 12.11 -17.40 17.95
N GLY A 645 12.81 -17.34 19.07
CA GLY A 645 13.26 -18.53 19.78
C GLY A 645 14.51 -19.17 19.20
N LYS A 646 14.72 -18.98 17.90
CA LYS A 646 15.87 -19.57 17.22
C LYS A 646 17.20 -19.03 17.72
N THR A 647 18.21 -19.89 17.67
CA THR A 647 19.55 -19.49 18.07
C THR A 647 20.30 -19.15 16.80
N ILE A 648 20.56 -17.88 16.61
CA ILE A 648 21.22 -17.42 15.41
C ILE A 648 22.64 -16.93 15.59
N GLU A 649 23.46 -17.22 14.59
CA GLU A 649 24.84 -16.81 14.56
C GLU A 649 24.91 -15.62 13.60
N PHE A 650 25.59 -14.57 14.01
CA PHE A 650 25.66 -13.39 13.19
C PHE A 650 27.00 -12.71 13.22
N LYS A 651 27.25 -11.93 12.18
CA LYS A 651 28.48 -11.18 12.08
C LYS A 651 28.16 -9.82 11.48
N PHE A 652 29.04 -8.86 11.74
CA PHE A 652 28.86 -7.52 11.22
C PHE A 652 29.78 -7.30 10.05
N LEU A 653 29.37 -6.43 9.14
CA LEU A 653 30.16 -6.13 7.97
C LEU A 653 30.40 -4.66 7.81
N LYS A 654 31.39 -4.35 6.99
CA LYS A 654 31.72 -2.99 6.66
C LYS A 654 31.59 -2.89 5.15
N LYS A 655 30.54 -2.21 4.71
CA LYS A 655 30.28 -2.09 3.31
C LYS A 655 30.72 -0.77 2.70
N GLN A 656 31.12 -0.87 1.44
CA GLN A 656 31.52 0.26 0.63
C GLN A 656 31.12 -0.14 -0.77
N GLY A 657 29.93 0.31 -1.19
CA GLY A 657 29.40 -0.08 -2.47
C GLY A 657 28.96 -1.53 -2.30
N SER A 658 29.67 -2.44 -2.95
CA SER A 658 29.37 -3.85 -2.81
C SER A 658 30.60 -4.55 -2.27
N THR A 659 31.63 -3.76 -2.00
CA THR A 659 32.87 -4.26 -1.44
C THR A 659 32.64 -4.52 0.03
N VAL A 660 32.93 -5.73 0.48
CA VAL A 660 32.69 -6.07 1.86
C VAL A 660 33.89 -6.54 2.65
N THR A 661 34.00 -6.02 3.85
CA THR A 661 35.05 -6.37 4.78
C THR A 661 34.40 -7.03 5.98
N TRP A 662 34.68 -8.31 6.15
CA TRP A 662 34.10 -9.11 7.22
C TRP A 662 34.64 -8.79 8.60
N GLU A 663 33.81 -9.09 9.60
CA GLU A 663 34.18 -8.90 10.98
C GLU A 663 35.15 -10.01 11.34
N GLY A 664 36.02 -9.76 12.30
CA GLY A 664 37.00 -10.73 12.72
C GLY A 664 36.46 -11.72 13.74
N GLY A 665 37.38 -12.48 14.33
CA GLY A 665 37.04 -13.46 15.35
C GLY A 665 36.03 -14.46 14.85
N SER A 666 35.17 -14.91 15.76
CA SER A 666 34.16 -15.88 15.44
C SER A 666 32.77 -15.26 15.45
N ASN A 667 31.82 -16.01 14.92
CA ASN A 667 30.45 -15.58 14.83
C ASN A 667 29.89 -15.24 16.19
N HIS A 668 29.04 -14.23 16.23
CA HIS A 668 28.37 -13.88 17.47
C HIS A 668 27.17 -14.78 17.54
N THR A 669 26.77 -15.15 18.73
CA THR A 669 25.63 -16.02 18.88
C THR A 669 24.61 -15.47 19.84
N PHE A 670 23.35 -15.73 19.53
CA PHE A 670 22.27 -15.28 20.36
C PHE A 670 21.01 -16.06 20.06
N THR A 671 20.09 -16.08 21.01
CA THR A 671 18.85 -16.79 20.85
C THR A 671 17.67 -15.84 20.87
N ALA A 672 17.01 -15.72 19.74
CA ALA A 672 15.87 -14.83 19.58
C ALA A 672 14.78 -15.11 20.62
N PRO A 673 14.21 -14.04 21.15
CA PRO A 673 13.15 -14.18 22.14
C PRO A 673 12.01 -14.95 21.49
N SER A 674 11.24 -15.65 22.31
CA SER A 674 10.11 -16.43 21.80
C SER A 674 9.00 -15.48 21.42
N SER A 675 9.00 -14.31 22.05
CA SER A 675 8.01 -13.28 21.79
C SER A 675 8.53 -11.95 22.34
N GLY A 676 7.97 -10.85 21.87
CA GLY A 676 8.41 -9.54 22.31
C GLY A 676 9.72 -9.15 21.63
N THR A 677 10.36 -8.13 22.16
CA THR A 677 11.60 -7.63 21.59
C THR A 677 12.81 -8.01 22.41
N ALA A 678 13.99 -7.66 21.91
CA ALA A 678 15.24 -7.93 22.59
C ALA A 678 16.35 -7.06 22.04
N THR A 679 17.41 -6.88 22.82
CA THR A 679 18.52 -6.05 22.39
C THR A 679 19.85 -6.78 22.53
N ILE A 680 20.40 -7.17 21.38
CA ILE A 680 21.68 -7.87 21.34
C ILE A 680 22.80 -6.87 21.14
N ASN A 681 23.58 -6.66 22.20
CA ASN A 681 24.68 -5.70 22.15
C ASN A 681 26.04 -6.39 22.14
N VAL A 682 26.76 -6.25 21.03
CA VAL A 682 28.07 -6.87 20.88
C VAL A 682 29.05 -5.88 20.34
N ASN A 683 30.33 -6.13 20.57
CA ASN A 683 31.41 -5.25 20.09
C ASN A 683 32.01 -5.69 18.76
N TRP A 684 32.38 -4.73 17.93
CA TRP A 684 32.97 -5.08 16.65
C TRP A 684 34.28 -5.82 16.86
N GLN A 685 34.40 -6.98 16.24
CA GLN A 685 35.58 -7.82 16.35
C GLN A 685 36.56 -7.52 15.22
N PRO A 686 37.77 -7.07 15.58
CA PRO A 686 38.80 -6.75 14.59
C PRO A 686 39.21 -7.98 13.80
#